data_2EZU
#
_entry.id   2EZU
#
_cell.length_a   118.276
_cell.length_b   154.724
_cell.length_c   166.003
_cell.angle_alpha   90.00
_cell.angle_beta   90.00
_cell.angle_gamma   90.00
#
_symmetry.space_group_name_H-M   'C 2 2 21'
#
loop_
_entity.id
_entity.type
_entity.pdbx_description
1 polymer 'Pyruvate oxidase'
2 non-polymer 'MAGNESIUM ION'
3 non-polymer 'SODIUM ION'
4 non-polymer '2-ACETYL-THIAMINE DIPHOSPHATE'
5 non-polymer 'FLAVIN-ADENINE DINUCLEOTIDE'
6 non-polymer 'PYRUVIC ACID'
7 water water
#
_entity_poly.entity_id   1
_entity_poly.type   'polypeptide(L)'
_entity_poly.pdbx_seq_one_letter_code
;MVMKQTKQTNILAGAAVIKVLEAWGVDHLYGIPGGSINSIMDALSAERDRIHYIQVRHEEVGAMAAAADAKLTGKIGVCF
GSAGPGGTHLMNGLYDAREDHVPVLALIGQFGTTGMNMDTFQEMNENPIYADVADYNVTAVNAATLPHVIDEAIRRAYAH
QGVAVVQIPVDLPWQQIPAEDWYASANSYQTPLLPEPDVQAVTRLTQTLLAAERPLIYYGIGARKAGKELEQLSKTLKIP
LMSTYPAKGIVADRYPAYLGSANRVAQKPANEALAQADVVLFVGNNYPFAEVSKAFKNTRYFLQIDIDPAKLGKRHKTDI
AVLADAQKTLAAILAQVSERESTPWWQANLANVKNWRAYLASLEDKQEGPLQAYQVLRAVNKIAEPDAIYSIDVGDINLN
ANRHLKLTPSNRHITSNLFATMGVGIPGAIAAKLNYPERQVFNLAGDGGASMTMQDLATQVQYHLPVINVVFTNCQYGWI
KDEQEDTNQNDFIGVEFNDIDFSKIADGVHMQAFRVNKIEQLPDVFEQAKAIAQHEPVLIDAVITGDRPLPAEKLRLDSA
MSSAADIEAFKQRYEAQDLQPLSTYLKQFGLDDLQHQIGQGGF
;
_entity_poly.pdbx_strand_id   A,B
#
loop_
_chem_comp.id
_chem_comp.type
_chem_comp.name
_chem_comp.formula
FAD non-polymer 'FLAVIN-ADENINE DINUCLEOTIDE' 'C27 H33 N9 O15 P2'
HTL non-polymer '2-ACETYL-THIAMINE DIPHOSPHATE' 'C14 H21 N4 O8 P2 S 1'
MG non-polymer 'MAGNESIUM ION' 'Mg 2'
NA non-polymer 'SODIUM ION' 'Na 1'
PYR non-polymer 'PYRUVIC ACID' 'C3 H4 O3'
#
# COMPACT_ATOMS: atom_id res chain seq x y z
N THR A 9 -13.86 16.02 32.77
CA THR A 9 -14.89 14.96 32.44
C THR A 9 -15.25 14.82 30.94
N ASN A 10 -15.52 15.95 30.24
CA ASN A 10 -15.76 15.97 28.78
C ASN A 10 -14.80 16.87 28.03
N ILE A 11 -14.68 16.63 26.73
CA ILE A 11 -13.92 17.49 25.85
C ILE A 11 -14.68 17.62 24.53
N LEU A 12 -14.60 18.77 23.87
CA LEU A 12 -15.21 18.94 22.54
C LEU A 12 -14.42 18.06 21.59
N ALA A 13 -15.11 17.27 20.80
CA ALA A 13 -14.47 16.39 19.79
C ALA A 13 -13.40 17.12 18.92
N GLY A 14 -13.68 18.37 18.55
CA GLY A 14 -12.76 19.20 17.77
C GLY A 14 -11.49 19.51 18.55
N ALA A 15 -11.61 19.73 19.87
CA ALA A 15 -10.43 19.88 20.74
C ALA A 15 -9.58 18.61 20.78
N ALA A 16 -10.23 17.47 20.97
CA ALA A 16 -9.52 16.18 20.90
C ALA A 16 -8.80 15.98 19.57
N VAL A 17 -9.47 16.31 18.46
CA VAL A 17 -8.83 16.21 17.12
C VAL A 17 -7.55 17.06 17.02
N ILE A 18 -7.59 18.30 17.51
CA ILE A 18 -6.39 19.14 17.45
C ILE A 18 -5.29 18.55 18.35
N LYS A 19 -5.67 18.01 19.50
CA LYS A 19 -4.71 17.30 20.36
C LYS A 19 -4.07 16.08 19.68
N VAL A 20 -4.81 15.36 18.83
CA VAL A 20 -4.24 14.26 18.01
C VAL A 20 -3.15 14.83 17.04
N LEU A 21 -3.44 15.95 16.37
CA LEU A 21 -2.48 16.58 15.48
C LEU A 21 -1.24 16.99 16.25
N GLU A 22 -1.43 17.58 17.44
CA GLU A 22 -0.30 17.98 18.28
C GLU A 22 0.53 16.77 18.74
N ALA A 23 -0.15 15.67 19.07
CA ALA A 23 0.57 14.47 19.53
C ALA A 23 1.44 13.92 18.40
N TRP A 24 0.97 14.10 17.16
CA TRP A 24 1.73 13.64 16.01
C TRP A 24 2.81 14.64 15.56
N GLY A 25 2.98 15.73 16.30
CA GLY A 25 4.08 16.65 16.03
C GLY A 25 3.80 17.60 14.87
N VAL A 26 2.53 17.77 14.51
CA VAL A 26 2.17 18.77 13.48
C VAL A 26 2.43 20.19 14.04
N ASP A 27 3.39 20.89 13.42
CA ASP A 27 3.69 22.28 13.75
C ASP A 27 2.73 23.28 13.06
N HIS A 28 2.51 23.10 11.77
CA HIS A 28 1.68 24.03 11.00
C HIS A 28 0.77 23.33 9.98
N LEU A 29 -0.29 24.03 9.59
CA LEU A 29 -1.26 23.50 8.63
C LEU A 29 -1.97 24.66 7.89
N TYR A 30 -2.53 24.33 6.74
CA TYR A 30 -2.98 25.32 5.78
C TYR A 30 -4.44 25.16 5.41
N GLY A 31 -5.11 26.28 5.14
CA GLY A 31 -6.40 26.20 4.49
C GLY A 31 -7.15 27.51 4.54
N ILE A 32 -8.44 27.45 4.23
CA ILE A 32 -9.30 28.63 4.17
C ILE A 32 -10.59 28.22 4.86
N PRO A 33 -11.09 29.04 5.81
CA PRO A 33 -12.29 28.62 6.59
C PRO A 33 -13.59 28.69 5.77
N GLY A 34 -14.67 28.14 6.32
CA GLY A 34 -16.00 28.21 5.71
C GLY A 34 -16.97 27.74 6.78
N GLY A 35 -18.26 28.03 6.62
CA GLY A 35 -19.26 27.58 7.59
C GLY A 35 -19.13 26.09 7.89
N SER A 36 -18.87 25.30 6.86
CA SER A 36 -18.79 23.84 6.97
C SER A 36 -17.54 23.35 7.69
N ILE A 37 -16.59 24.24 7.96
CA ILE A 37 -15.38 23.84 8.71
C ILE A 37 -15.08 24.74 9.92
N ASN A 38 -16.09 25.51 10.34
CA ASN A 38 -15.90 26.49 11.43
C ASN A 38 -15.74 25.84 12.82
N SER A 39 -16.21 24.60 13.00
CA SER A 39 -16.00 23.98 14.30
C SER A 39 -14.57 23.43 14.50
N ILE A 40 -13.92 23.02 13.40
CA ILE A 40 -12.47 22.75 13.41
C ILE A 40 -11.69 24.06 13.60
N MET A 41 -12.13 25.12 12.94
CA MET A 41 -11.52 26.44 13.10
C MET A 41 -11.57 26.86 14.56
N ASP A 42 -12.73 26.65 15.21
CA ASP A 42 -12.95 27.05 16.59
C ASP A 42 -11.96 26.33 17.48
N ALA A 43 -11.79 25.03 17.26
CA ALA A 43 -10.80 24.23 17.99
C ALA A 43 -9.35 24.70 17.74
N LEU A 44 -9.03 24.96 16.46
CA LEU A 44 -7.75 25.56 16.08
C LEU A 44 -7.47 26.90 16.80
N SER A 45 -8.50 27.74 16.90
CA SER A 45 -8.38 29.05 17.52
C SER A 45 -7.91 28.96 19.00
N ALA A 46 -8.50 28.03 19.75
CA ALA A 46 -8.13 27.80 21.16
C ALA A 46 -6.70 27.30 21.31
N GLU A 47 -6.18 26.70 20.25
CA GLU A 47 -4.92 25.97 20.29
C GLU A 47 -3.77 26.70 19.60
N ARG A 48 -3.97 27.99 19.37
CA ARG A 48 -3.05 28.77 18.55
C ARG A 48 -1.63 28.94 19.15
N ASP A 49 -1.47 28.71 20.45
CA ASP A 49 -0.16 28.71 21.09
C ASP A 49 0.64 27.42 20.85
N ARG A 50 -0.03 26.32 20.50
CA ARG A 50 0.63 25.01 20.29
C ARG A 50 0.69 24.50 18.83
N ILE A 51 -0.27 24.92 17.99
CA ILE A 51 -0.29 24.53 16.58
C ILE A 51 -0.65 25.75 15.73
N HIS A 52 0.00 25.92 14.58
CA HIS A 52 0.01 27.17 13.83
C HIS A 52 -0.70 27.09 12.49
N TYR A 53 -1.84 27.76 12.43
CA TYR A 53 -2.69 27.76 11.28
C TYR A 53 -2.16 28.81 10.29
N ILE A 54 -1.95 28.37 9.04
CA ILE A 54 -1.53 29.23 7.94
C ILE A 54 -2.69 29.45 6.97
N GLN A 55 -3.22 30.68 6.95
CA GLN A 55 -4.31 31.01 6.02
C GLN A 55 -3.76 31.35 4.64
N VAL A 56 -4.13 30.54 3.64
CA VAL A 56 -3.69 30.72 2.28
C VAL A 56 -4.77 31.49 1.52
N ARG A 57 -4.47 31.90 0.29
CA ARG A 57 -5.44 32.67 -0.52
C ARG A 57 -6.16 31.77 -1.54
N HIS A 58 -5.66 30.55 -1.74
CA HIS A 58 -6.34 29.58 -2.62
C HIS A 58 -6.01 28.22 -2.04
N GLU A 59 -7.01 27.34 -1.89
CA GLU A 59 -6.79 26.07 -1.19
C GLU A 59 -5.79 25.14 -1.88
N GLU A 60 -5.56 25.27 -3.19
CA GLU A 60 -4.54 24.41 -3.85
C GLU A 60 -3.14 24.70 -3.32
N VAL A 61 -2.90 25.95 -2.95
CA VAL A 61 -1.60 26.33 -2.37
C VAL A 61 -1.40 25.71 -0.99
N GLY A 62 -2.49 25.62 -0.24
CA GLY A 62 -2.49 24.89 1.01
C GLY A 62 -2.13 23.42 0.85
N ALA A 63 -2.76 22.76 -0.11
CA ALA A 63 -2.51 21.34 -0.37
C ALA A 63 -1.08 21.12 -0.90
N MET A 64 -0.65 22.00 -1.81
CA MET A 64 0.70 21.97 -2.35
C MET A 64 1.78 22.19 -1.28
N ALA A 65 1.57 23.17 -0.41
CA ALA A 65 2.47 23.42 0.71
C ALA A 65 2.49 22.23 1.70
N ALA A 66 1.33 21.61 1.95
CA ALA A 66 1.30 20.42 2.78
C ALA A 66 2.16 19.29 2.16
N ALA A 67 2.05 19.08 0.85
CA ALA A 67 2.90 18.09 0.16
C ALA A 67 4.40 18.42 0.31
N ALA A 68 4.74 19.68 0.12
CA ALA A 68 6.12 20.14 0.16
C ALA A 68 6.74 19.98 1.58
N ASP A 69 5.95 20.29 2.62
CA ASP A 69 6.32 20.03 4.04
C ASP A 69 6.86 18.60 4.16
N ALA A 70 6.08 17.65 3.65
CA ALA A 70 6.39 16.21 3.75
C ALA A 70 7.61 15.83 2.92
N LYS A 71 7.68 16.37 1.69
CA LYS A 71 8.85 16.22 0.81
C LYS A 71 10.11 16.67 1.51
N LEU A 72 10.01 17.77 2.29
CA LEU A 72 11.18 18.38 2.95
C LEU A 72 11.60 17.69 4.25
N THR A 73 10.64 17.40 5.12
CA THR A 73 10.92 16.93 6.48
C THR A 73 10.58 15.47 6.73
N GLY A 74 9.77 14.88 5.86
CA GLY A 74 9.19 13.56 6.11
C GLY A 74 8.01 13.58 7.08
N LYS A 75 7.64 14.75 7.59
CA LYS A 75 6.54 14.86 8.55
C LYS A 75 5.22 15.08 7.75
N ILE A 76 4.17 14.36 8.15
CA ILE A 76 2.89 14.45 7.43
C ILE A 76 2.49 15.93 7.22
N GLY A 77 2.15 16.32 6.00
CA GLY A 77 1.63 17.67 5.81
C GLY A 77 0.12 17.67 6.07
N VAL A 78 -0.43 18.83 6.41
CA VAL A 78 -1.81 18.93 6.80
C VAL A 78 -2.47 20.15 6.13
N CYS A 79 -3.60 19.91 5.47
CA CYS A 79 -4.30 21.00 4.80
C CYS A 79 -5.78 20.74 4.96
N PHE A 80 -6.61 21.75 4.65
CA PHE A 80 -8.05 21.58 4.67
C PHE A 80 -8.73 22.50 3.69
N GLY A 81 -9.99 22.19 3.38
CA GLY A 81 -10.84 23.05 2.55
C GLY A 81 -12.29 22.88 3.00
N SER A 82 -13.09 23.94 2.89
CA SER A 82 -14.53 23.86 3.24
C SER A 82 -15.31 22.98 2.23
N ALA A 83 -16.55 22.65 2.56
CA ALA A 83 -17.36 21.77 1.73
C ALA A 83 -17.46 22.28 0.31
N GLY A 84 -17.53 21.35 -0.64
CA GLY A 84 -17.68 21.69 -2.04
C GLY A 84 -16.41 22.26 -2.59
N PRO A 85 -16.44 23.53 -3.06
CA PRO A 85 -15.33 24.18 -3.74
C PRO A 85 -14.01 24.33 -2.94
N GLY A 86 -14.07 24.37 -1.61
CA GLY A 86 -12.84 24.50 -0.81
C GLY A 86 -11.98 23.26 -1.00
N GLY A 87 -12.62 22.11 -0.86
CA GLY A 87 -12.01 20.80 -0.99
C GLY A 87 -11.56 20.49 -2.40
N THR A 88 -12.41 20.75 -3.41
CA THR A 88 -12.04 20.43 -4.79
C THR A 88 -10.84 21.27 -5.25
N HIS A 89 -10.65 22.43 -4.62
CA HIS A 89 -9.47 23.27 -4.89
C HIS A 89 -8.17 22.61 -4.42
N LEU A 90 -8.27 21.64 -3.50
CA LEU A 90 -7.08 20.93 -2.97
C LEU A 90 -6.44 19.99 -4.00
N MET A 91 -7.21 19.57 -4.99
CA MET A 91 -6.83 18.43 -5.85
C MET A 91 -5.41 18.48 -6.40
N ASN A 92 -4.98 19.61 -6.95
CA ASN A 92 -3.65 19.60 -7.61
C ASN A 92 -2.53 19.30 -6.65
N GLY A 93 -2.68 19.77 -5.42
CA GLY A 93 -1.69 19.46 -4.37
C GLY A 93 -1.83 18.03 -3.85
N LEU A 94 -3.06 17.52 -3.75
CA LEU A 94 -3.26 16.14 -3.28
C LEU A 94 -2.74 15.12 -4.28
N TYR A 95 -3.00 15.37 -5.57
CA TYR A 95 -2.47 14.50 -6.65
C TYR A 95 -0.95 14.56 -6.66
N ASP A 96 -0.42 15.74 -6.36
CA ASP A 96 1.04 15.91 -6.26
C ASP A 96 1.58 14.98 -5.16
N ALA A 97 0.87 14.95 -4.01
CA ALA A 97 1.28 14.12 -2.86
C ALA A 97 1.20 12.64 -3.17
N ARG A 98 0.17 12.23 -3.91
CA ARG A 98 0.01 10.83 -4.26
C ARG A 98 1.14 10.41 -5.18
N GLU A 99 1.33 11.16 -6.27
CA GLU A 99 2.34 10.81 -7.27
C GLU A 99 3.78 10.88 -6.74
N ASP A 100 4.07 11.83 -5.84
CA ASP A 100 5.39 11.96 -5.20
C ASP A 100 5.46 11.18 -3.90
N HIS A 101 4.42 10.40 -3.60
CA HIS A 101 4.38 9.44 -2.51
C HIS A 101 4.83 10.03 -1.16
N VAL A 102 4.17 11.10 -0.73
CA VAL A 102 4.47 11.73 0.55
C VAL A 102 3.17 11.78 1.38
N PRO A 103 3.26 11.64 2.71
CA PRO A 103 2.06 11.62 3.58
C PRO A 103 1.41 12.99 3.74
N VAL A 104 0.12 13.11 3.38
CA VAL A 104 -0.61 14.33 3.56
C VAL A 104 -1.96 13.96 4.18
N LEU A 105 -2.38 14.71 5.19
CA LEU A 105 -3.75 14.62 5.72
C LEU A 105 -4.56 15.81 5.21
N ALA A 106 -5.72 15.54 4.61
CA ALA A 106 -6.62 16.59 4.09
C ALA A 106 -7.93 16.47 4.82
N LEU A 107 -8.34 17.54 5.45
CA LEU A 107 -9.66 17.53 6.09
C LEU A 107 -10.63 18.31 5.22
N ILE A 108 -11.80 17.75 4.99
CA ILE A 108 -12.79 18.37 4.11
C ILE A 108 -14.02 18.76 4.94
N GLY A 109 -14.43 20.02 4.86
CA GLY A 109 -15.69 20.43 5.48
C GLY A 109 -16.88 19.68 4.94
N GLN A 110 -17.92 19.53 5.78
CA GLN A 110 -19.21 18.97 5.34
C GLN A 110 -20.33 19.58 6.19
N PHE A 111 -21.50 19.81 5.59
CA PHE A 111 -22.72 20.20 6.32
C PHE A 111 -22.97 19.22 7.49
N GLY A 112 -23.61 19.71 8.55
CA GLY A 112 -23.97 18.89 9.71
C GLY A 112 -24.80 17.67 9.31
N THR A 113 -24.72 16.63 10.14
CA THR A 113 -25.35 15.35 9.86
C THR A 113 -26.87 15.49 9.71
N THR A 114 -27.45 16.51 10.33
CA THR A 114 -28.91 16.73 10.26
C THR A 114 -29.30 17.32 8.90
N GLY A 115 -28.34 17.85 8.15
CA GLY A 115 -28.59 18.39 6.83
C GLY A 115 -28.03 17.61 5.65
N MET A 116 -27.10 16.70 5.90
CA MET A 116 -26.56 15.83 4.85
C MET A 116 -27.63 15.04 4.09
N ASN A 117 -27.47 14.96 2.77
CA ASN A 117 -28.46 14.27 1.91
C ASN A 117 -29.83 14.96 1.81
N MET A 118 -29.92 16.20 2.29
CA MET A 118 -31.13 17.01 2.10
C MET A 118 -31.08 17.83 0.81
N ASP A 119 -29.94 17.80 0.12
CA ASP A 119 -29.64 18.68 -1.04
C ASP A 119 -29.80 20.13 -0.63
N THR A 120 -29.02 20.49 0.39
CA THR A 120 -29.00 21.87 0.82
C THR A 120 -27.77 22.57 0.22
N PHE A 121 -27.52 23.80 0.64
CA PHE A 121 -26.51 24.66 0.07
C PHE A 121 -25.09 24.10 0.21
N GLN A 122 -24.34 24.11 -0.91
CA GLN A 122 -23.00 23.47 -1.03
C GLN A 122 -22.93 22.08 -0.42
N GLU A 123 -24.04 21.37 -0.40
CA GLU A 123 -24.08 20.05 0.25
C GLU A 123 -24.20 18.98 -0.81
N MET A 124 -23.35 17.96 -0.72
CA MET A 124 -23.35 16.89 -1.68
C MET A 124 -22.65 15.70 -1.03
N ASN A 125 -22.79 14.52 -1.63
CA ASN A 125 -21.99 13.36 -1.29
C ASN A 125 -20.54 13.64 -1.68
N GLU A 126 -19.70 13.97 -0.68
CA GLU A 126 -18.31 14.41 -0.94
C GLU A 126 -17.28 13.27 -1.04
N ASN A 127 -17.62 12.11 -0.49
CA ASN A 127 -16.75 10.92 -0.50
C ASN A 127 -16.26 10.47 -1.90
N PRO A 128 -17.15 10.41 -2.93
CA PRO A 128 -16.66 9.95 -4.25
C PRO A 128 -15.64 10.88 -4.92
N ILE A 129 -15.58 12.12 -4.46
CA ILE A 129 -14.71 13.14 -5.01
C ILE A 129 -13.24 12.78 -4.76
N TYR A 130 -12.96 12.16 -3.61
CA TYR A 130 -11.58 11.88 -3.15
C TYR A 130 -11.16 10.43 -3.27
N ALA A 131 -12.03 9.58 -3.82
CA ALA A 131 -11.78 8.15 -3.87
C ALA A 131 -10.55 7.79 -4.68
N ASP A 132 -10.33 8.50 -5.78
CA ASP A 132 -9.20 8.18 -6.63
C ASP A 132 -7.85 8.64 -6.05
N VAL A 133 -7.79 9.83 -5.45
CA VAL A 133 -6.52 10.38 -5.01
C VAL A 133 -6.03 9.75 -3.69
N ALA A 134 -6.97 9.22 -2.89
CA ALA A 134 -6.70 8.96 -1.48
C ALA A 134 -6.40 7.50 -1.20
N ASP A 135 -5.42 7.29 -0.33
CA ASP A 135 -5.14 5.96 0.21
C ASP A 135 -6.23 5.60 1.26
N TYR A 136 -6.74 6.62 1.95
CA TYR A 136 -7.78 6.42 2.96
C TYR A 136 -8.73 7.57 2.74
N ASN A 137 -10.02 7.25 2.68
CA ASN A 137 -11.01 8.25 2.26
C ASN A 137 -12.36 8.00 2.92
N VAL A 138 -12.59 8.67 4.03
CA VAL A 138 -13.81 8.41 4.82
C VAL A 138 -14.58 9.67 5.23
N THR A 139 -15.90 9.53 5.33
CA THR A 139 -16.74 10.53 5.95
C THR A 139 -17.01 10.11 7.38
N ALA A 140 -16.60 10.94 8.34
CA ALA A 140 -16.88 10.72 9.75
C ALA A 140 -18.36 10.88 10.05
N VAL A 141 -18.90 10.08 10.97
CA VAL A 141 -20.33 10.08 11.30
C VAL A 141 -20.64 10.07 12.82
N ASN A 142 -19.60 10.13 13.62
CA ASN A 142 -19.71 10.03 15.06
C ASN A 142 -18.63 10.92 15.69
N ALA A 143 -18.99 11.68 16.74
CA ALA A 143 -18.04 12.54 17.44
C ALA A 143 -17.03 11.80 18.30
N ALA A 144 -17.52 10.84 19.08
CA ALA A 144 -16.64 10.05 19.97
C ALA A 144 -15.55 9.28 19.21
N THR A 145 -15.84 8.81 18.00
CA THR A 145 -14.81 8.08 17.27
C THR A 145 -13.94 8.99 16.39
N LEU A 146 -14.23 10.29 16.34
CA LEU A 146 -13.57 11.19 15.39
C LEU A 146 -12.05 11.31 15.61
N PRO A 147 -11.59 11.47 16.88
CA PRO A 147 -10.15 11.46 17.12
C PRO A 147 -9.47 10.21 16.58
N HIS A 148 -10.13 9.07 16.72
CA HIS A 148 -9.57 7.82 16.19
C HIS A 148 -9.51 7.78 14.67
N VAL A 149 -10.52 8.34 14.01
CA VAL A 149 -10.55 8.37 12.58
C VAL A 149 -9.42 9.27 12.05
N ILE A 150 -9.18 10.39 12.74
CA ILE A 150 -8.04 11.24 12.41
C ILE A 150 -6.68 10.53 12.66
N ASP A 151 -6.53 9.94 13.85
CA ASP A 151 -5.36 9.16 14.20
C ASP A 151 -5.11 8.08 13.14
N GLU A 152 -6.18 7.37 12.75
CA GLU A 152 -6.11 6.33 11.71
C GLU A 152 -5.63 6.87 10.36
N ALA A 153 -6.17 8.02 9.99
CA ALA A 153 -5.83 8.67 8.74
C ALA A 153 -4.33 9.01 8.67
N ILE A 154 -3.82 9.60 9.75
CA ILE A 154 -2.41 9.99 9.82
C ILE A 154 -1.50 8.74 9.76
N ARG A 155 -1.83 7.73 10.56
CA ARG A 155 -1.03 6.51 10.60
C ARG A 155 -0.98 5.78 9.24
N ARG A 156 -2.10 5.77 8.53
CA ARG A 156 -2.15 5.18 7.19
C ARG A 156 -1.39 6.03 6.16
N ALA A 157 -1.55 7.35 6.21
CA ALA A 157 -0.87 8.25 5.28
C ALA A 157 0.63 8.05 5.36
N TYR A 158 1.13 7.94 6.59
CA TYR A 158 2.53 7.62 6.86
C TYR A 158 2.95 6.24 6.36
N ALA A 159 2.24 5.20 6.77
CA ALA A 159 2.56 3.81 6.42
C ALA A 159 2.53 3.58 4.92
N HIS A 160 1.60 4.24 4.24
CA HIS A 160 1.37 3.96 2.85
C HIS A 160 1.93 5.08 1.98
N GLN A 161 2.57 6.08 2.61
CA GLN A 161 3.19 7.19 1.89
C GLN A 161 2.24 7.85 0.87
N GLY A 162 1.12 8.34 1.36
CA GLY A 162 0.14 8.92 0.46
C GLY A 162 -0.87 9.78 1.16
N VAL A 163 -2.00 9.98 0.51
CA VAL A 163 -3.01 10.95 0.99
C VAL A 163 -4.15 10.26 1.76
N ALA A 164 -4.46 10.79 2.94
CA ALA A 164 -5.65 10.43 3.71
C ALA A 164 -6.58 11.62 3.76
N VAL A 165 -7.83 11.36 3.42
CA VAL A 165 -8.86 12.40 3.35
C VAL A 165 -9.96 12.00 4.34
N VAL A 166 -10.38 12.96 5.17
CA VAL A 166 -11.50 12.78 6.09
C VAL A 166 -12.47 13.93 5.87
N GLN A 167 -13.71 13.60 5.52
CA GLN A 167 -14.80 14.60 5.40
C GLN A 167 -15.48 14.69 6.76
N ILE A 168 -15.66 15.90 7.27
CA ILE A 168 -16.14 16.05 8.65
C ILE A 168 -17.41 16.89 8.71
N PRO A 169 -18.58 16.25 8.98
CA PRO A 169 -19.80 17.03 9.18
C PRO A 169 -19.56 18.03 10.32
N VAL A 170 -19.96 19.28 10.11
CA VAL A 170 -19.53 20.39 10.99
C VAL A 170 -20.05 20.33 12.45
N ASP A 171 -21.18 19.61 12.67
CA ASP A 171 -21.70 19.38 14.01
C ASP A 171 -20.74 18.56 14.90
N LEU A 172 -20.11 17.51 14.36
CA LEU A 172 -19.35 16.58 15.19
C LEU A 172 -18.29 17.26 16.07
N PRO A 173 -17.46 18.14 15.48
CA PRO A 173 -16.46 18.77 16.36
C PRO A 173 -16.98 19.68 17.48
N TRP A 174 -18.25 20.08 17.43
CA TRP A 174 -18.83 20.87 18.54
C TRP A 174 -19.53 20.01 19.60
N GLN A 175 -19.52 18.69 19.42
CA GLN A 175 -20.13 17.79 20.40
C GLN A 175 -19.14 17.39 21.51
N GLN A 176 -19.63 17.30 22.74
CA GLN A 176 -18.86 16.81 23.88
C GLN A 176 -18.68 15.29 23.81
N ILE A 177 -17.45 14.82 24.05
CA ILE A 177 -17.16 13.38 24.18
C ILE A 177 -16.41 13.16 25.50
N PRO A 178 -16.39 11.91 26.03
CA PRO A 178 -15.67 11.68 27.27
C PRO A 178 -14.21 12.07 27.16
N ALA A 179 -13.73 12.84 28.12
CA ALA A 179 -12.36 13.38 28.09
C ALA A 179 -11.27 12.30 28.15
N GLU A 180 -11.64 11.13 28.66
CA GLU A 180 -10.62 10.14 29.00
C GLU A 180 -10.52 8.98 28.02
N ASP A 181 -11.39 8.93 27.00
CA ASP A 181 -11.42 7.78 26.09
C ASP A 181 -10.48 7.84 24.86
N TRP A 182 -10.36 9.03 24.26
CA TRP A 182 -9.61 9.22 23.01
C TRP A 182 -8.10 9.15 23.30
N TYR A 183 -7.34 8.71 22.30
CA TYR A 183 -5.89 8.74 22.36
C TYR A 183 -5.35 8.97 20.92
N ALA A 184 -4.06 9.29 20.83
CA ALA A 184 -3.31 9.30 19.57
C ALA A 184 -2.33 8.12 19.63
N SER A 185 -2.09 7.45 18.51
CA SER A 185 -1.07 6.39 18.46
C SER A 185 0.31 6.91 17.98
N ALA A 186 0.54 8.21 18.03
CA ALA A 186 1.83 8.79 17.66
C ALA A 186 3.01 8.22 18.45
N ASN A 187 2.80 7.94 19.74
CA ASN A 187 3.84 7.33 20.60
C ASN A 187 4.38 5.98 20.07
N SER A 188 3.52 5.25 19.34
CA SER A 188 3.82 3.93 18.78
C SER A 188 4.40 4.00 17.37
N TYR A 189 4.37 5.19 16.77
CA TYR A 189 4.82 5.34 15.37
C TYR A 189 6.21 4.77 15.11
N GLN A 190 6.35 4.04 13.99
CA GLN A 190 7.67 3.63 13.42
C GLN A 190 7.64 3.71 11.89
N THR A 191 8.82 3.87 11.27
CA THR A 191 8.93 3.84 9.80
C THR A 191 9.17 2.39 9.37
N PRO A 192 8.76 2.01 8.13
CA PRO A 192 8.91 0.59 7.75
C PRO A 192 10.34 0.07 7.93
N LEU A 193 10.44 -1.21 8.30
CA LEU A 193 11.71 -1.93 8.35
C LEU A 193 12.44 -1.92 6.98
N LEU A 194 13.77 -1.73 7.02
CA LEU A 194 14.61 -1.74 5.82
C LEU A 194 15.08 -3.15 5.55
N PRO A 195 14.72 -3.75 4.39
CA PRO A 195 15.29 -5.05 4.02
C PRO A 195 16.80 -5.00 3.84
N GLU A 196 17.44 -6.15 4.09
CA GLU A 196 18.90 -6.31 4.11
C GLU A 196 19.38 -6.96 2.81
N PRO A 197 20.56 -6.55 2.32
CA PRO A 197 21.10 -7.17 1.10
C PRO A 197 21.63 -8.58 1.36
N ASP A 198 21.21 -9.54 0.52
CA ASP A 198 21.79 -10.89 0.52
C ASP A 198 23.26 -10.76 0.15
N VAL A 199 24.14 -11.33 0.98
CA VAL A 199 25.60 -11.29 0.69
C VAL A 199 26.01 -11.88 -0.67
N GLN A 200 25.54 -13.08 -1.00
CA GLN A 200 25.89 -13.71 -2.26
C GLN A 200 25.36 -12.93 -3.48
N ALA A 201 24.16 -12.37 -3.36
CA ALA A 201 23.59 -11.59 -4.47
C ALA A 201 24.40 -10.34 -4.73
N VAL A 202 24.81 -9.66 -3.67
CA VAL A 202 25.67 -8.48 -3.75
C VAL A 202 27.02 -8.78 -4.40
N THR A 203 27.59 -9.92 -4.03
CA THR A 203 28.82 -10.41 -4.64
C THR A 203 28.65 -10.69 -6.13
N ARG A 204 27.56 -11.37 -6.51
CA ARG A 204 27.22 -11.57 -7.93
C ARG A 204 27.03 -10.24 -8.70
N LEU A 205 26.31 -9.32 -8.09
CA LEU A 205 26.12 -7.97 -8.66
C LEU A 205 27.46 -7.25 -8.91
N THR A 206 28.32 -7.27 -7.91
CA THR A 206 29.65 -6.65 -7.98
C THR A 206 30.46 -7.28 -9.13
N GLN A 207 30.45 -8.61 -9.26
CA GLN A 207 31.22 -9.23 -10.32
C GLN A 207 30.73 -8.82 -11.71
N THR A 208 29.41 -8.78 -11.90
CA THR A 208 28.84 -8.31 -13.18
C THR A 208 29.20 -6.85 -13.49
N LEU A 209 29.11 -5.99 -12.46
CA LEU A 209 29.48 -4.60 -12.61
C LEU A 209 30.95 -4.43 -13.00
N LEU A 210 31.83 -5.22 -12.36
CA LEU A 210 33.27 -5.14 -12.59
C LEU A 210 33.69 -5.72 -13.95
N ALA A 211 32.96 -6.72 -14.44
CA ALA A 211 33.21 -7.30 -15.77
C ALA A 211 32.78 -6.38 -16.93
N ALA A 212 31.96 -5.36 -16.66
CA ALA A 212 31.44 -4.44 -17.68
C ALA A 212 32.56 -3.69 -18.43
N GLU A 213 32.40 -3.50 -19.74
CA GLU A 213 33.33 -2.68 -20.51
C GLU A 213 32.90 -1.23 -20.41
N ARG A 214 31.58 -1.01 -20.30
CA ARG A 214 31.04 0.35 -20.27
C ARG A 214 29.97 0.54 -19.18
N PRO A 215 30.37 0.42 -17.88
CA PRO A 215 29.42 0.46 -16.74
C PRO A 215 28.91 1.89 -16.45
N LEU A 216 27.66 1.99 -15.97
CA LEU A 216 27.14 3.22 -15.37
C LEU A 216 26.39 2.88 -14.09
N ILE A 217 26.47 3.78 -13.12
CA ILE A 217 25.64 3.70 -11.93
C ILE A 217 24.62 4.82 -12.08
N TYR A 218 23.34 4.44 -12.06
CA TYR A 218 22.22 5.32 -12.37
C TYR A 218 21.22 5.30 -11.22
N TYR A 219 21.26 6.30 -10.36
CA TYR A 219 20.56 6.28 -9.08
C TYR A 219 19.43 7.30 -9.07
N GLY A 220 18.38 7.02 -8.29
CA GLY A 220 17.39 8.04 -7.98
C GLY A 220 17.41 8.44 -6.51
N ILE A 221 16.33 9.11 -6.08
CA ILE A 221 16.23 9.60 -4.72
C ILE A 221 16.10 8.49 -3.66
N GLY A 222 15.92 7.26 -4.12
CA GLY A 222 15.98 6.11 -3.22
C GLY A 222 17.38 5.98 -2.62
N ALA A 223 18.36 6.60 -3.28
CA ALA A 223 19.74 6.56 -2.82
C ALA A 223 20.16 7.86 -2.12
N ARG A 224 19.17 8.68 -1.70
CA ARG A 224 19.46 9.98 -1.01
C ARG A 224 20.33 9.90 0.26
N LYS A 225 20.37 8.74 0.91
CA LYS A 225 21.29 8.53 2.05
C LYS A 225 22.66 7.96 1.67
N ALA A 226 22.88 7.73 0.37
CA ALA A 226 24.07 7.00 -0.08
C ALA A 226 25.04 7.82 -0.93
N GLY A 227 25.00 9.15 -0.83
CA GLY A 227 25.87 10.01 -1.61
C GLY A 227 27.36 9.73 -1.47
N LYS A 228 27.78 9.53 -0.22
CA LYS A 228 29.18 9.23 0.09
C LYS A 228 29.60 7.97 -0.67
N GLU A 229 28.82 6.89 -0.52
CA GLU A 229 29.09 5.59 -1.17
C GLU A 229 29.05 5.67 -2.70
N LEU A 230 28.06 6.40 -3.25
CA LEU A 230 27.93 6.59 -4.70
C LEU A 230 29.21 7.23 -5.25
N GLU A 231 29.61 8.34 -4.65
CA GLU A 231 30.81 9.05 -5.09
C GLU A 231 32.09 8.21 -4.96
N GLN A 232 32.24 7.49 -3.86
CA GLN A 232 33.46 6.71 -3.59
C GLN A 232 33.53 5.47 -4.49
N LEU A 233 32.40 4.82 -4.71
CA LEU A 233 32.32 3.70 -5.65
C LEU A 233 32.76 4.19 -7.05
N SER A 234 32.22 5.34 -7.47
CA SER A 234 32.57 5.96 -8.74
C SER A 234 34.09 6.21 -8.85
N LYS A 235 34.70 6.88 -7.87
CA LYS A 235 36.14 7.16 -7.88
C LYS A 235 36.99 5.88 -7.85
N THR A 236 36.60 4.93 -7.01
CA THR A 236 37.38 3.70 -6.80
C THR A 236 37.35 2.81 -8.02
N LEU A 237 36.18 2.63 -8.62
CA LEU A 237 36.00 1.69 -9.73
C LEU A 237 36.14 2.36 -11.08
N LYS A 238 36.23 3.69 -11.09
CA LYS A 238 36.33 4.44 -12.35
C LYS A 238 35.03 4.22 -13.15
N ILE A 239 33.91 4.47 -12.47
CA ILE A 239 32.58 4.28 -13.10
C ILE A 239 31.78 5.57 -13.05
N PRO A 240 31.43 6.15 -14.23
CA PRO A 240 30.63 7.41 -14.19
C PRO A 240 29.28 7.25 -13.46
N LEU A 241 28.79 8.38 -12.99
CA LEU A 241 27.53 8.46 -12.26
C LEU A 241 26.51 9.22 -13.08
N MET A 242 25.25 8.76 -13.04
CA MET A 242 24.16 9.55 -13.57
C MET A 242 22.96 9.38 -12.64
N SER A 243 22.01 10.30 -12.69
CA SER A 243 20.91 10.30 -11.75
C SER A 243 19.63 10.70 -12.45
N THR A 244 18.51 10.45 -11.77
CA THR A 244 17.27 11.07 -12.17
C THR A 244 17.43 12.54 -11.81
N TYR A 245 16.64 13.40 -12.45
CA TYR A 245 16.68 14.82 -12.14
C TYR A 245 16.46 15.16 -10.63
N PRO A 246 15.39 14.61 -10.01
CA PRO A 246 15.26 14.87 -8.57
C PRO A 246 16.46 14.44 -7.69
N ALA A 247 17.23 13.46 -8.12
CA ALA A 247 18.42 13.02 -7.38
C ALA A 247 19.65 13.96 -7.56
N LYS A 248 19.49 15.02 -8.36
CA LYS A 248 20.52 16.05 -8.47
C LYS A 248 20.84 16.58 -7.06
N GLY A 249 22.13 16.75 -6.74
CA GLY A 249 22.52 17.21 -5.42
C GLY A 249 22.90 16.15 -4.40
N ILE A 250 22.45 14.91 -4.60
CA ILE A 250 22.85 13.79 -3.69
C ILE A 250 24.39 13.56 -3.72
N VAL A 251 24.95 13.61 -4.93
CA VAL A 251 26.40 13.76 -5.18
C VAL A 251 26.57 15.21 -5.65
N ALA A 252 27.56 15.91 -5.12
CA ALA A 252 27.87 17.29 -5.54
C ALA A 252 27.95 17.38 -7.06
N ASP A 253 27.33 18.42 -7.61
CA ASP A 253 27.40 18.69 -9.05
C ASP A 253 28.83 18.86 -9.59
N ARG A 254 29.75 19.34 -8.74
CA ARG A 254 31.14 19.58 -9.16
C ARG A 254 31.94 18.30 -9.35
N TYR A 255 31.42 17.19 -8.83
CA TYR A 255 32.09 15.89 -9.01
C TYR A 255 32.32 15.60 -10.51
N PRO A 256 33.59 15.41 -10.90
CA PRO A 256 33.91 15.34 -12.35
C PRO A 256 33.30 14.20 -13.15
N ALA A 257 32.87 13.11 -12.49
CA ALA A 257 32.26 11.97 -13.24
C ALA A 257 30.73 11.87 -13.05
N TYR A 258 30.13 12.97 -12.59
CA TYR A 258 28.68 13.13 -12.59
C TYR A 258 28.24 13.64 -13.97
N LEU A 259 27.59 12.76 -14.74
CA LEU A 259 27.05 13.04 -16.07
C LEU A 259 25.75 13.88 -16.14
N GLY A 260 24.98 13.82 -15.07
CA GLY A 260 23.71 14.53 -14.98
C GLY A 260 22.60 13.52 -15.14
N SER A 261 21.46 14.00 -15.64
CA SER A 261 20.26 13.21 -15.86
C SER A 261 19.93 13.00 -17.36
N ALA A 262 19.09 12.01 -17.63
CA ALA A 262 18.74 11.60 -18.98
C ALA A 262 17.37 12.11 -19.44
N ASN A 263 17.09 11.95 -20.75
CA ASN A 263 15.87 12.42 -21.40
C ASN A 263 15.86 13.94 -21.72
N ARG A 264 14.98 14.71 -21.07
CA ARG A 264 14.74 16.10 -21.45
C ARG A 264 15.14 17.11 -20.36
N VAL A 265 14.70 16.88 -19.12
CA VAL A 265 15.31 17.55 -17.97
C VAL A 265 16.58 16.77 -17.67
N ALA A 266 17.61 17.14 -18.43
CA ALA A 266 18.71 16.23 -18.80
C ALA A 266 19.96 17.00 -19.17
N GLN A 267 21.08 16.29 -19.14
CA GLN A 267 22.36 16.85 -19.54
C GLN A 267 22.95 15.95 -20.62
N LYS A 268 23.57 16.57 -21.61
CA LYS A 268 24.15 15.87 -22.74
C LYS A 268 24.97 14.64 -22.35
N PRO A 269 25.94 14.76 -21.41
CA PRO A 269 26.71 13.54 -21.14
C PRO A 269 25.93 12.31 -20.65
N ALA A 270 24.85 12.50 -19.90
CA ALA A 270 24.05 11.34 -19.39
C ALA A 270 23.36 10.63 -20.54
N ASN A 271 22.73 11.38 -21.44
CA ASN A 271 22.01 10.76 -22.56
C ASN A 271 22.97 9.96 -23.46
N GLU A 272 24.14 10.53 -23.73
CA GLU A 272 25.10 9.91 -24.65
C GLU A 272 25.71 8.66 -24.05
N ALA A 273 26.13 8.73 -22.78
CA ALA A 273 26.71 7.60 -22.08
C ALA A 273 25.72 6.44 -21.94
N LEU A 274 24.46 6.74 -21.58
CA LEU A 274 23.44 5.71 -21.41
C LEU A 274 23.22 4.91 -22.70
N ALA A 275 23.26 5.60 -23.84
CA ALA A 275 23.13 4.97 -25.14
C ALA A 275 24.23 3.93 -25.44
N GLN A 276 25.41 4.13 -24.82
CA GLN A 276 26.59 3.28 -25.05
C GLN A 276 26.82 2.23 -23.94
N ALA A 277 26.23 2.43 -22.77
CA ALA A 277 26.52 1.57 -21.61
C ALA A 277 26.16 0.10 -21.85
N ASP A 278 27.04 -0.82 -21.42
CA ASP A 278 26.69 -2.26 -21.47
C ASP A 278 26.05 -2.78 -20.16
N VAL A 279 26.39 -2.16 -19.05
CA VAL A 279 25.84 -2.57 -17.76
C VAL A 279 25.38 -1.34 -16.99
N VAL A 280 24.14 -1.41 -16.49
CA VAL A 280 23.57 -0.36 -15.63
C VAL A 280 23.23 -0.87 -14.23
N LEU A 281 23.81 -0.24 -13.20
CA LEU A 281 23.35 -0.48 -11.84
C LEU A 281 22.28 0.60 -11.54
N PHE A 282 21.02 0.15 -11.47
CA PHE A 282 19.85 1.02 -11.37
C PHE A 282 19.44 0.93 -9.92
N VAL A 283 19.64 2.01 -9.16
CA VAL A 283 19.48 1.95 -7.70
C VAL A 283 18.56 3.05 -7.14
N GLY A 284 17.56 2.65 -6.35
CA GLY A 284 16.61 3.60 -5.77
C GLY A 284 16.02 4.53 -6.83
N ASN A 285 15.65 3.93 -7.96
CA ASN A 285 15.34 4.66 -9.18
C ASN A 285 14.04 4.17 -9.81
N ASN A 286 13.11 5.08 -10.07
CA ASN A 286 11.87 4.71 -10.77
C ASN A 286 11.59 5.60 -12.00
N TYR A 287 12.67 5.94 -12.72
CA TYR A 287 12.67 6.75 -13.93
C TYR A 287 11.50 6.41 -14.85
N PRO A 288 10.53 7.35 -14.98
CA PRO A 288 9.27 7.02 -15.68
C PRO A 288 9.41 6.98 -17.21
N PHE A 289 10.57 7.43 -17.71
CA PHE A 289 10.85 7.45 -19.14
C PHE A 289 11.51 6.17 -19.68
N ALA A 290 11.83 5.24 -18.79
CA ALA A 290 12.66 4.08 -19.17
C ALA A 290 12.14 3.41 -20.42
N GLU A 291 10.88 2.99 -20.42
CA GLU A 291 10.31 2.19 -21.52
C GLU A 291 9.94 3.06 -22.73
N VAL A 292 9.26 4.20 -22.49
CA VAL A 292 8.77 5.00 -23.62
C VAL A 292 9.92 5.61 -24.42
N SER A 293 11.06 5.83 -23.77
CA SER A 293 12.21 6.40 -24.45
C SER A 293 13.20 5.32 -24.91
N LYS A 294 12.90 4.04 -24.65
CA LYS A 294 13.83 2.93 -24.91
C LYS A 294 15.25 3.18 -24.35
N ALA A 295 15.33 3.75 -23.15
CA ALA A 295 16.61 4.08 -22.52
C ALA A 295 17.56 2.90 -22.52
N PHE A 296 17.03 1.71 -22.26
CA PHE A 296 17.89 0.52 -22.01
C PHE A 296 17.84 -0.50 -23.13
N LYS A 297 17.54 -0.05 -24.34
CA LYS A 297 17.38 -1.00 -25.47
C LYS A 297 18.67 -1.77 -25.79
N ASN A 298 19.84 -1.13 -25.64
CA ASN A 298 21.11 -1.77 -25.91
C ASN A 298 21.96 -2.17 -24.69
N THR A 299 21.34 -2.10 -23.49
CA THR A 299 22.00 -2.47 -22.25
C THR A 299 22.04 -3.98 -22.21
N ARG A 300 23.22 -4.54 -21.97
CA ARG A 300 23.35 -5.98 -21.91
C ARG A 300 22.86 -6.57 -20.60
N TYR A 301 23.29 -5.96 -19.49
CA TYR A 301 22.91 -6.47 -18.18
C TYR A 301 22.39 -5.33 -17.32
N PHE A 302 21.29 -5.62 -16.62
CA PHE A 302 20.59 -4.64 -15.83
C PHE A 302 20.52 -5.13 -14.38
N LEU A 303 21.13 -4.36 -13.48
CA LEU A 303 21.26 -4.73 -12.07
C LEU A 303 20.46 -3.74 -11.25
N GLN A 304 19.56 -4.23 -10.39
CA GLN A 304 18.64 -3.32 -9.68
C GLN A 304 18.67 -3.45 -8.16
N ILE A 305 18.69 -2.32 -7.48
CA ILE A 305 18.62 -2.29 -6.02
C ILE A 305 17.46 -1.38 -5.63
N ASP A 306 16.49 -1.90 -4.87
CA ASP A 306 15.32 -1.10 -4.48
C ASP A 306 14.66 -1.73 -3.28
N ILE A 307 14.08 -0.90 -2.44
CA ILE A 307 13.42 -1.32 -1.22
C ILE A 307 12.02 -1.87 -1.50
N ASP A 308 11.45 -1.49 -2.64
CA ASP A 308 10.05 -1.77 -2.94
C ASP A 308 9.94 -2.95 -3.92
N PRO A 309 9.34 -4.09 -3.48
CA PRO A 309 9.17 -5.22 -4.40
C PRO A 309 8.39 -4.88 -5.66
N ALA A 310 7.50 -3.89 -5.59
CA ALA A 310 6.70 -3.47 -6.74
C ALA A 310 7.55 -2.87 -7.87
N LYS A 311 8.80 -2.49 -7.55
CA LYS A 311 9.73 -1.88 -8.54
C LYS A 311 10.71 -2.86 -9.16
N LEU A 312 10.80 -4.04 -8.60
CA LEU A 312 11.85 -4.97 -8.98
C LEU A 312 11.56 -5.59 -10.34
N GLY A 313 12.34 -5.21 -11.36
CA GLY A 313 12.08 -5.61 -12.73
C GLY A 313 11.00 -4.81 -13.43
N LYS A 314 10.56 -3.70 -12.83
CA LYS A 314 9.52 -2.85 -13.42
C LYS A 314 9.94 -2.14 -14.73
N ARG A 315 11.12 -1.52 -14.74
CA ARG A 315 11.52 -0.64 -15.84
C ARG A 315 12.39 -1.31 -16.92
N HIS A 316 12.90 -2.50 -16.60
CA HIS A 316 13.66 -3.34 -17.51
C HIS A 316 13.79 -4.70 -16.86
N LYS A 317 13.92 -5.79 -17.64
CA LYS A 317 14.19 -7.10 -17.06
C LYS A 317 15.53 -7.08 -16.31
N THR A 318 15.56 -7.63 -15.09
CA THR A 318 16.80 -7.62 -14.32
C THR A 318 17.60 -8.88 -14.52
N ASP A 319 18.91 -8.73 -14.46
CA ASP A 319 19.84 -9.85 -14.33
C ASP A 319 20.17 -10.19 -12.90
N ILE A 320 20.20 -9.16 -12.04
CA ILE A 320 20.30 -9.29 -10.60
C ILE A 320 19.44 -8.19 -9.95
N ALA A 321 18.59 -8.60 -9.00
CA ALA A 321 17.67 -7.70 -8.34
C ALA A 321 17.89 -7.93 -6.88
N VAL A 322 18.13 -6.82 -6.19
CA VAL A 322 18.35 -6.82 -4.75
C VAL A 322 17.26 -5.99 -4.06
N LEU A 323 16.48 -6.68 -3.22
CA LEU A 323 15.43 -6.08 -2.44
C LEU A 323 16.06 -5.60 -1.12
N ALA A 324 16.61 -4.38 -1.13
CA ALA A 324 17.34 -3.90 0.03
C ALA A 324 17.53 -2.40 -0.01
N ASP A 325 17.83 -1.85 1.16
CA ASP A 325 18.20 -0.45 1.29
C ASP A 325 19.39 -0.12 0.39
N ALA A 326 19.29 1.01 -0.31
CA ALA A 326 20.34 1.52 -1.20
C ALA A 326 21.69 1.70 -0.49
N GLN A 327 21.72 2.42 0.63
CA GLN A 327 23.01 2.73 1.28
C GLN A 327 23.71 1.49 1.81
N LYS A 328 22.96 0.60 2.46
CA LYS A 328 23.53 -0.67 2.92
C LYS A 328 24.08 -1.50 1.78
N THR A 329 23.37 -1.53 0.66
CA THR A 329 23.81 -2.35 -0.44
C THR A 329 25.07 -1.78 -1.09
N LEU A 330 25.07 -0.46 -1.29
CA LEU A 330 26.20 0.21 -1.92
C LEU A 330 27.43 0.17 -1.01
N ALA A 331 27.21 0.29 0.31
CA ALA A 331 28.29 0.16 1.30
C ALA A 331 28.89 -1.24 1.16
N ALA A 332 28.02 -2.25 1.04
CA ALA A 332 28.48 -3.63 0.91
C ALA A 332 29.28 -3.88 -0.40
N ILE A 333 28.90 -3.24 -1.50
CA ILE A 333 29.70 -3.36 -2.73
C ILE A 333 31.10 -2.74 -2.47
N LEU A 334 31.11 -1.53 -1.93
CA LEU A 334 32.34 -0.77 -1.75
C LEU A 334 33.32 -1.49 -0.83
N ALA A 335 32.77 -2.19 0.18
CA ALA A 335 33.55 -2.93 1.17
C ALA A 335 34.24 -4.17 0.59
N GLN A 336 33.84 -4.60 -0.60
CA GLN A 336 34.43 -5.79 -1.20
C GLN A 336 35.21 -5.51 -2.50
N VAL A 337 35.49 -4.25 -2.80
CA VAL A 337 36.28 -3.89 -4.00
C VAL A 337 37.47 -3.03 -3.61
N SER A 338 38.45 -2.93 -4.50
CA SER A 338 39.57 -2.03 -4.29
C SER A 338 39.81 -1.15 -5.52
N GLU A 339 40.75 -0.21 -5.43
CA GLU A 339 41.11 0.72 -6.52
C GLU A 339 41.32 0.01 -7.87
N ARG A 340 40.57 0.43 -8.88
CA ARG A 340 40.81 0.01 -10.26
C ARG A 340 41.57 1.11 -10.97
N GLU A 341 42.45 0.70 -11.89
CA GLU A 341 43.00 1.60 -12.90
C GLU A 341 41.93 2.24 -13.78
N SER A 342 42.24 3.46 -14.23
CA SER A 342 41.54 4.13 -15.30
C SER A 342 41.30 3.22 -16.51
N THR A 343 40.18 3.46 -17.20
CA THR A 343 39.83 2.75 -18.43
C THR A 343 39.51 3.78 -19.50
N PRO A 344 39.51 3.37 -20.77
CA PRO A 344 39.14 4.30 -21.86
C PRO A 344 37.71 4.88 -21.71
N TRP A 345 36.74 4.05 -21.28
CA TRP A 345 35.37 4.47 -21.02
C TRP A 345 35.32 5.62 -20.02
N TRP A 346 36.05 5.46 -18.93
CA TRP A 346 36.14 6.45 -17.91
C TRP A 346 36.72 7.76 -18.45
N GLN A 347 37.83 7.68 -19.18
CA GLN A 347 38.43 8.91 -19.69
C GLN A 347 37.53 9.62 -20.70
N ALA A 348 36.92 8.84 -21.59
CA ALA A 348 36.00 9.39 -22.61
C ALA A 348 34.90 10.21 -21.93
N ASN A 349 34.33 9.64 -20.86
CA ASN A 349 33.24 10.32 -20.18
C ASN A 349 33.69 11.58 -19.43
N LEU A 350 34.87 11.53 -18.82
CA LEU A 350 35.38 12.68 -18.06
C LEU A 350 35.61 13.85 -19.01
N ALA A 351 36.14 13.56 -20.20
CA ALA A 351 36.38 14.59 -21.21
C ALA A 351 35.05 15.15 -21.75
N ASN A 352 34.05 14.30 -21.92
CA ASN A 352 32.72 14.74 -22.38
C ASN A 352 32.06 15.67 -21.35
N VAL A 353 32.18 15.33 -20.08
CA VAL A 353 31.73 16.19 -18.98
C VAL A 353 32.41 17.57 -19.01
N LYS A 354 33.73 17.59 -19.12
CA LYS A 354 34.44 18.88 -19.12
C LYS A 354 33.97 19.78 -20.24
N ASN A 355 33.80 19.20 -21.43
CA ASN A 355 33.35 19.93 -22.62
C ASN A 355 31.95 20.51 -22.40
N TRP A 356 31.07 19.70 -21.80
CA TRP A 356 29.70 20.11 -21.48
C TRP A 356 29.61 21.26 -20.47
N ARG A 357 30.37 21.15 -19.39
CA ARG A 357 30.42 22.21 -18.38
C ARG A 357 31.00 23.53 -18.90
N ALA A 358 31.99 23.44 -19.79
CA ALA A 358 32.54 24.62 -20.45
C ALA A 358 31.47 25.29 -21.32
N TYR A 359 30.67 24.50 -22.03
CA TYR A 359 29.47 25.03 -22.66
C TYR A 359 28.52 25.82 -21.71
N LEU A 360 28.13 25.22 -20.59
CA LEU A 360 27.21 25.89 -19.62
C LEU A 360 27.84 27.14 -19.00
N ALA A 361 29.11 27.04 -18.61
CA ALA A 361 29.85 28.20 -18.12
C ALA A 361 29.85 29.31 -19.17
N SER A 362 30.04 28.97 -20.46
CA SER A 362 30.05 30.00 -21.52
C SER A 362 28.71 30.79 -21.58
N LEU A 363 27.59 30.10 -21.36
CA LEU A 363 26.26 30.76 -21.28
C LEU A 363 26.07 31.65 -20.02
N GLU A 364 26.48 31.11 -18.86
CA GLU A 364 26.40 31.82 -17.58
C GLU A 364 27.26 33.07 -17.55
N ASP A 365 28.41 33.03 -18.24
CA ASP A 365 29.48 34.02 -18.06
C ASP A 365 29.36 35.27 -18.94
N LYS A 366 28.32 35.32 -19.80
CA LYS A 366 28.01 36.54 -20.53
C LYS A 366 27.78 37.69 -19.54
N GLN A 367 28.27 38.88 -19.89
CA GLN A 367 28.32 40.00 -18.94
C GLN A 367 27.38 41.14 -19.33
N GLU A 368 26.94 41.15 -20.59
CA GLU A 368 26.02 42.17 -21.06
C GLU A 368 25.20 41.69 -22.23
N GLY A 369 24.04 42.32 -22.41
CA GLY A 369 23.16 41.98 -23.52
C GLY A 369 21.79 41.53 -23.06
N PRO A 370 20.97 41.02 -24.00
CA PRO A 370 19.60 40.60 -23.70
C PRO A 370 19.64 39.44 -22.69
N LEU A 371 18.90 39.60 -21.59
CA LEU A 371 18.91 38.60 -20.51
C LEU A 371 18.36 37.26 -20.99
N GLN A 372 19.08 36.16 -20.69
CA GLN A 372 18.57 34.81 -20.89
C GLN A 372 18.47 34.13 -19.54
N ALA A 373 17.76 33.01 -19.50
CA ALA A 373 17.60 32.23 -18.28
C ALA A 373 18.96 31.83 -17.67
N TYR A 374 19.95 31.49 -18.50
CA TYR A 374 21.26 31.04 -18.00
C TYR A 374 21.96 32.01 -17.06
N GLN A 375 21.89 33.31 -17.36
CA GLN A 375 22.61 34.30 -16.54
C GLN A 375 21.85 34.55 -15.23
N VAL A 376 20.52 34.47 -15.29
CA VAL A 376 19.70 34.61 -14.08
C VAL A 376 20.10 33.52 -13.09
N LEU A 377 20.20 32.28 -13.58
CA LEU A 377 20.61 31.17 -12.72
C LEU A 377 22.02 31.34 -12.20
N ARG A 378 22.94 31.82 -13.04
CA ARG A 378 24.28 32.19 -12.55
C ARG A 378 24.17 33.23 -11.43
N ALA A 379 23.30 34.23 -11.59
CA ALA A 379 23.13 35.26 -10.51
C ALA A 379 22.53 34.67 -9.23
N VAL A 380 21.62 33.69 -9.37
CA VAL A 380 21.19 32.88 -8.21
C VAL A 380 22.39 32.17 -7.54
N ASN A 381 23.20 31.45 -8.32
CA ASN A 381 24.40 30.80 -7.79
C ASN A 381 25.27 31.75 -6.98
N LYS A 382 25.48 32.97 -7.49
CA LYS A 382 26.33 33.95 -6.82
C LYS A 382 25.82 34.43 -5.45
N ILE A 383 24.51 34.41 -5.20
CA ILE A 383 23.97 34.85 -3.90
C ILE A 383 23.53 33.70 -3.00
N ALA A 384 23.64 32.47 -3.49
CA ALA A 384 23.10 31.32 -2.80
C ALA A 384 24.01 30.85 -1.68
N GLU A 385 23.43 30.68 -0.49
CA GLU A 385 24.13 30.10 0.66
C GLU A 385 24.38 28.61 0.41
N PRO A 386 25.44 28.00 1.00
CA PRO A 386 25.78 26.59 0.73
C PRO A 386 24.64 25.62 1.08
N ASP A 387 23.75 26.01 1.97
CA ASP A 387 22.65 25.12 2.35
C ASP A 387 21.29 25.63 1.90
N ALA A 388 21.23 26.42 0.82
CA ALA A 388 19.95 26.96 0.31
C ALA A 388 18.96 25.87 -0.10
N ILE A 389 17.66 26.20 0.00
CA ILE A 389 16.59 25.31 -0.41
C ILE A 389 15.92 25.93 -1.62
N TYR A 390 15.70 25.10 -2.65
CA TYR A 390 15.06 25.58 -3.86
C TYR A 390 13.72 24.90 -4.05
N SER A 391 12.68 25.71 -4.14
CA SER A 391 11.37 25.25 -4.57
C SER A 391 11.23 25.67 -6.02
N ILE A 392 11.05 24.68 -6.90
CA ILE A 392 11.14 24.90 -8.33
C ILE A 392 9.77 24.62 -8.94
N ASP A 393 9.28 25.54 -9.78
CA ASP A 393 8.02 25.31 -10.48
C ASP A 393 8.22 24.30 -11.64
N VAL A 394 7.38 24.36 -12.66
CA VAL A 394 7.35 23.32 -13.67
C VAL A 394 7.36 23.93 -15.08
N GLY A 395 8.27 23.46 -15.92
CA GLY A 395 8.47 24.04 -17.24
C GLY A 395 9.96 24.09 -17.57
N ASP A 396 10.36 25.09 -18.37
CA ASP A 396 11.78 25.24 -18.73
C ASP A 396 12.69 25.36 -17.50
N ILE A 397 12.18 25.90 -16.40
CA ILE A 397 12.97 26.07 -15.17
C ILE A 397 13.54 24.73 -14.63
N ASN A 398 12.83 23.63 -14.83
CA ASN A 398 13.36 22.34 -14.36
C ASN A 398 14.63 21.99 -15.12
N LEU A 399 14.59 22.16 -16.44
CA LEU A 399 15.73 21.90 -17.32
C LEU A 399 16.88 22.87 -17.03
N ASN A 400 16.58 24.16 -16.95
CA ASN A 400 17.60 25.17 -16.70
C ASN A 400 18.24 25.04 -15.31
N ALA A 401 17.41 24.89 -14.28
CA ALA A 401 17.91 24.71 -12.91
C ALA A 401 18.73 23.39 -12.78
N ASN A 402 18.25 22.34 -13.41
CA ASN A 402 18.99 21.07 -13.50
C ASN A 402 20.41 21.28 -14.08
N ARG A 403 20.55 22.02 -15.17
CA ARG A 403 21.90 22.31 -15.71
C ARG A 403 22.74 23.29 -14.88
N HIS A 404 22.13 24.38 -14.36
CA HIS A 404 22.93 25.51 -13.88
C HIS A 404 23.13 25.58 -12.36
N LEU A 405 22.16 25.11 -11.57
CA LEU A 405 22.32 25.22 -10.10
C LEU A 405 23.50 24.36 -9.66
N LYS A 406 24.33 24.88 -8.77
CA LYS A 406 25.49 24.15 -8.32
C LYS A 406 25.18 23.62 -6.93
N LEU A 407 24.69 22.39 -6.86
CA LEU A 407 24.18 21.83 -5.61
C LEU A 407 25.13 20.84 -5.00
N THR A 408 24.95 20.62 -3.68
CA THR A 408 25.75 19.68 -2.91
C THR A 408 24.79 18.99 -1.98
N PRO A 409 25.26 17.94 -1.26
CA PRO A 409 24.42 17.32 -0.23
C PRO A 409 23.81 18.28 0.81
N SER A 410 24.41 19.44 1.02
CA SER A 410 23.87 20.45 1.94
C SER A 410 22.58 21.12 1.44
N ASN A 411 22.34 21.09 0.13
CA ASN A 411 21.12 21.72 -0.43
C ASN A 411 19.89 20.80 -0.38
N ARG A 412 18.72 21.41 -0.50
CA ARG A 412 17.50 20.72 -0.89
C ARG A 412 16.86 21.40 -2.12
N HIS A 413 16.27 20.61 -3.00
CA HIS A 413 15.42 21.15 -4.07
C HIS A 413 14.25 20.22 -4.22
N ILE A 414 13.09 20.82 -4.45
CA ILE A 414 11.85 20.08 -4.61
C ILE A 414 11.07 20.68 -5.80
N THR A 415 10.26 19.87 -6.45
CA THR A 415 9.28 20.33 -7.44
C THR A 415 8.19 19.25 -7.39
N SER A 416 7.23 19.36 -8.30
CA SER A 416 6.22 18.35 -8.46
C SER A 416 6.85 17.36 -9.46
N ASN A 417 7.47 16.30 -8.94
CA ASN A 417 8.36 15.44 -9.79
C ASN A 417 7.63 14.73 -10.93
N LEU A 418 6.46 14.19 -10.60
CA LEU A 418 5.77 13.23 -11.44
C LEU A 418 4.38 13.70 -11.95
N PHE A 419 3.55 14.21 -11.05
CA PHE A 419 2.28 14.86 -11.46
C PHE A 419 2.67 16.10 -12.22
N ALA A 420 3.77 16.72 -11.81
CA ALA A 420 4.34 17.87 -12.52
C ALA A 420 3.28 18.98 -12.68
N THR A 421 2.59 19.29 -11.57
CA THR A 421 1.71 20.45 -11.55
C THR A 421 2.43 21.78 -11.44
N MET A 422 2.14 22.68 -12.39
CA MET A 422 2.56 24.06 -12.35
C MET A 422 1.98 24.76 -11.12
N GLY A 423 2.67 25.78 -10.64
CA GLY A 423 2.24 26.58 -9.50
C GLY A 423 2.85 26.20 -8.16
N VAL A 424 3.60 25.08 -8.10
CA VAL A 424 4.20 24.61 -6.83
C VAL A 424 5.36 25.45 -6.28
N GLY A 425 5.96 26.30 -7.15
CA GLY A 425 7.08 27.16 -6.74
C GLY A 425 6.77 27.94 -5.47
N ILE A 426 5.70 28.73 -5.53
CA ILE A 426 5.28 29.56 -4.42
C ILE A 426 4.99 28.76 -3.10
N PRO A 427 4.04 27.79 -3.13
CA PRO A 427 3.75 27.00 -1.92
C PRO A 427 4.94 26.22 -1.37
N GLY A 428 5.73 25.61 -2.24
CA GLY A 428 6.93 24.90 -1.83
C GLY A 428 7.89 25.80 -1.06
N ALA A 429 7.97 27.09 -1.44
CA ALA A 429 8.89 28.03 -0.80
C ALA A 429 8.31 28.46 0.53
N ILE A 430 7.00 28.61 0.56
CA ILE A 430 6.30 28.90 1.82
C ILE A 430 6.58 27.80 2.85
N ALA A 431 6.40 26.54 2.44
CA ALA A 431 6.62 25.39 3.31
C ALA A 431 8.09 25.35 3.73
N ALA A 432 8.99 25.56 2.77
CA ALA A 432 10.42 25.55 3.05
C ALA A 432 10.83 26.58 4.12
N LYS A 433 10.31 27.80 4.02
CA LYS A 433 10.69 28.85 4.97
C LYS A 433 10.10 28.58 6.36
N LEU A 434 8.91 28.00 6.39
CA LEU A 434 8.29 27.61 7.67
C LEU A 434 9.07 26.51 8.39
N ASN A 435 9.58 25.53 7.64
CA ASN A 435 10.33 24.43 8.24
C ASN A 435 11.78 24.80 8.52
N TYR A 436 12.31 25.78 7.78
CA TYR A 436 13.73 26.15 7.90
C TYR A 436 13.92 27.68 7.86
N PRO A 437 13.42 28.39 8.90
CA PRO A 437 13.44 29.85 8.92
C PRO A 437 14.84 30.46 8.81
N GLU A 438 15.87 29.68 9.19
CA GLU A 438 17.26 30.13 9.15
C GLU A 438 17.99 29.77 7.85
N ARG A 439 17.33 29.06 6.95
CA ARG A 439 17.96 28.75 5.69
C ARG A 439 17.40 29.67 4.61
N GLN A 440 18.27 29.96 3.65
CA GLN A 440 17.89 30.69 2.47
C GLN A 440 16.98 29.82 1.59
N VAL A 441 15.89 30.42 1.13
CA VAL A 441 14.90 29.73 0.33
C VAL A 441 14.59 30.49 -0.97
N PHE A 442 14.71 29.79 -2.12
CA PHE A 442 14.34 30.35 -3.41
C PHE A 442 13.06 29.73 -3.94
N ASN A 443 12.27 30.53 -4.65
CA ASN A 443 11.21 30.05 -5.50
C ASN A 443 11.60 30.44 -6.92
N LEU A 444 11.90 29.44 -7.72
CA LEU A 444 12.31 29.64 -9.11
C LEU A 444 11.14 29.18 -10.00
N ALA A 445 10.53 30.11 -10.73
CA ALA A 445 9.32 29.77 -11.45
C ALA A 445 9.20 30.47 -12.79
N GLY A 446 8.66 29.75 -13.77
CA GLY A 446 8.29 30.41 -15.04
C GLY A 446 7.10 31.33 -14.80
N ASP A 447 6.86 32.22 -15.77
CA ASP A 447 5.74 33.15 -15.68
C ASP A 447 4.38 32.44 -15.75
N GLY A 448 4.29 31.39 -16.57
CA GLY A 448 3.08 30.57 -16.61
C GLY A 448 2.73 29.96 -15.26
N GLY A 449 3.71 29.31 -14.61
CA GLY A 449 3.45 28.67 -13.31
C GLY A 449 3.28 29.65 -12.15
N ALA A 450 4.12 30.68 -12.10
CA ALA A 450 3.95 31.77 -11.10
C ALA A 450 2.57 32.43 -11.17
N SER A 451 2.06 32.61 -12.39
CA SER A 451 0.71 33.12 -12.60
C SER A 451 -0.40 32.35 -11.93
N MET A 452 -0.30 31.04 -12.00
CA MET A 452 -1.33 30.18 -11.43
C MET A 452 -1.53 30.31 -9.92
N THR A 453 -0.45 30.62 -9.18
CA THR A 453 -0.49 30.69 -7.71
C THR A 453 -0.04 32.06 -7.17
N MET A 454 -0.06 33.07 -8.03
CA MET A 454 0.51 34.40 -7.73
C MET A 454 -0.10 35.07 -6.51
N GLN A 455 -1.40 34.87 -6.29
CA GLN A 455 -2.09 35.47 -5.14
C GLN A 455 -1.44 35.10 -3.80
N ASP A 456 -0.80 33.94 -3.75
CA ASP A 456 -0.20 33.48 -2.51
C ASP A 456 1.22 34.01 -2.29
N LEU A 457 1.66 34.88 -3.18
CA LEU A 457 2.76 35.80 -2.81
C LEU A 457 2.33 36.65 -1.59
N ALA A 458 1.02 36.91 -1.46
CA ALA A 458 0.47 37.64 -0.29
C ALA A 458 0.66 36.86 1.02
N THR A 459 0.71 35.54 0.92
CA THR A 459 0.91 34.66 2.09
C THR A 459 2.34 34.76 2.63
N GLN A 460 3.32 34.91 1.73
CA GLN A 460 4.70 35.16 2.13
C GLN A 460 4.80 36.50 2.87
N VAL A 461 4.09 37.51 2.37
CA VAL A 461 4.04 38.83 2.99
C VAL A 461 3.36 38.75 4.37
N GLN A 462 2.18 38.14 4.43
CA GLN A 462 1.37 38.07 5.64
C GLN A 462 2.11 37.45 6.81
N TYR A 463 2.84 36.36 6.53
CA TYR A 463 3.57 35.61 7.57
C TYR A 463 5.06 35.96 7.60
N HIS A 464 5.41 37.04 6.89
CA HIS A 464 6.78 37.55 6.87
C HIS A 464 7.80 36.44 6.53
N LEU A 465 7.59 35.76 5.40
CA LEU A 465 8.43 34.62 5.00
C LEU A 465 9.43 35.09 3.95
N PRO A 466 10.71 35.28 4.34
CA PRO A 466 11.69 35.90 3.43
C PRO A 466 12.19 35.01 2.27
N VAL A 467 11.25 34.64 1.41
CA VAL A 467 11.53 33.91 0.18
C VAL A 467 12.12 34.82 -0.86
N ILE A 468 13.09 34.29 -1.62
CA ILE A 468 13.59 34.97 -2.82
C ILE A 468 12.87 34.40 -4.04
N ASN A 469 11.89 35.14 -4.57
CA ASN A 469 11.10 34.68 -5.73
C ASN A 469 11.79 35.17 -6.99
N VAL A 470 12.04 34.27 -7.93
CA VAL A 470 12.61 34.66 -9.23
C VAL A 470 11.68 34.11 -10.32
N VAL A 471 11.05 35.02 -11.07
CA VAL A 471 10.12 34.69 -12.14
C VAL A 471 10.84 34.85 -13.50
N PHE A 472 10.81 33.80 -14.33
CA PHE A 472 11.42 33.79 -15.66
C PHE A 472 10.36 34.10 -16.70
N THR A 473 10.28 35.38 -17.06
CA THR A 473 9.23 35.93 -17.91
C THR A 473 9.62 35.91 -19.38
N ASN A 474 9.19 34.84 -20.07
CA ASN A 474 9.35 34.75 -21.51
C ASN A 474 8.05 35.05 -22.28
N CYS A 475 6.97 35.35 -21.56
CA CYS A 475 5.64 35.53 -22.17
C CYS A 475 5.29 34.31 -23.00
N GLN A 476 5.72 33.14 -22.53
CA GLN A 476 5.36 31.88 -23.20
C GLN A 476 5.17 30.79 -22.19
N TYR A 477 4.44 29.75 -22.59
CA TYR A 477 4.61 28.43 -22.05
C TYR A 477 5.71 27.80 -22.90
N GLY A 478 6.96 28.13 -22.60
CA GLY A 478 8.09 27.74 -23.49
C GLY A 478 8.24 26.23 -23.62
N TRP A 479 8.11 25.51 -22.51
CA TRP A 479 8.20 24.04 -22.51
C TRP A 479 7.27 23.44 -23.56
N ILE A 480 6.06 23.99 -23.66
CA ILE A 480 5.01 23.53 -24.60
C ILE A 480 5.20 24.09 -26.01
N LYS A 481 5.66 25.35 -26.14
CA LYS A 481 6.03 25.92 -27.45
C LYS A 481 7.02 24.99 -28.15
N ASP A 482 8.02 24.53 -27.40
CA ASP A 482 9.04 23.65 -27.97
C ASP A 482 8.52 22.29 -28.41
N GLU A 483 7.59 21.74 -27.63
CA GLU A 483 6.91 20.51 -28.01
C GLU A 483 6.10 20.72 -29.27
N GLN A 484 5.34 21.82 -29.36
CA GLN A 484 4.60 22.12 -30.59
C GLN A 484 5.52 22.23 -31.80
N GLU A 485 6.69 22.87 -31.60
CA GLU A 485 7.71 22.96 -32.66
C GLU A 485 8.11 21.58 -33.16
N ASP A 486 8.28 20.64 -32.22
CA ASP A 486 8.72 19.30 -32.49
C ASP A 486 7.67 18.40 -33.13
N THR A 487 6.39 18.63 -32.81
CA THR A 487 5.35 17.69 -33.24
C THR A 487 4.29 18.25 -34.15
N ASN A 488 3.93 19.53 -33.96
CA ASN A 488 2.75 20.06 -34.62
C ASN A 488 2.96 20.44 -36.09
N GLN A 489 1.94 20.26 -36.91
CA GLN A 489 2.06 20.64 -38.31
C GLN A 489 1.66 22.08 -38.54
N ASN A 490 0.67 22.57 -37.82
CA ASN A 490 0.18 23.93 -38.02
C ASN A 490 0.85 24.93 -37.07
N ASP A 491 0.55 26.21 -37.19
CA ASP A 491 1.20 27.24 -36.36
C ASP A 491 1.00 27.03 -34.84
N PHE A 492 1.96 27.52 -34.09
CA PHE A 492 1.86 27.64 -32.65
C PHE A 492 0.49 28.14 -32.20
N ILE A 493 -0.01 27.56 -31.12
CA ILE A 493 -1.25 28.00 -30.57
C ILE A 493 -1.26 27.81 -29.05
N GLY A 494 -1.59 28.89 -28.36
CA GLY A 494 -1.79 28.84 -26.91
C GLY A 494 -0.49 28.88 -26.13
N VAL A 495 0.63 29.15 -26.82
CA VAL A 495 1.94 29.04 -26.16
C VAL A 495 2.71 30.37 -26.02
N GLU A 496 2.16 31.43 -26.63
CA GLU A 496 2.70 32.79 -26.53
C GLU A 496 1.58 33.73 -26.09
N PHE A 497 1.88 34.58 -25.11
CA PHE A 497 0.80 35.34 -24.53
C PHE A 497 1.29 36.70 -24.02
N ASN A 498 0.35 37.49 -23.53
CA ASN A 498 0.61 38.80 -23.01
C ASN A 498 1.47 38.80 -21.76
N ASP A 499 2.29 39.83 -21.65
CA ASP A 499 3.13 40.09 -20.50
C ASP A 499 2.34 40.32 -19.21
N ILE A 500 2.85 39.77 -18.11
CA ILE A 500 2.49 40.22 -16.78
C ILE A 500 3.76 40.75 -16.09
N ASP A 501 3.68 41.97 -15.54
CA ASP A 501 4.77 42.55 -14.77
C ASP A 501 4.66 42.05 -13.34
N PHE A 502 5.45 41.03 -13.00
CA PHE A 502 5.44 40.50 -11.64
C PHE A 502 6.00 41.40 -10.56
N SER A 503 6.80 42.42 -10.94
CA SER A 503 7.23 43.43 -9.96
C SER A 503 6.03 44.30 -9.50
N LYS A 504 5.08 44.52 -10.40
CA LYS A 504 3.83 45.19 -10.07
C LYS A 504 2.84 44.29 -9.32
N ILE A 505 2.80 43.01 -9.70
CA ILE A 505 2.03 42.03 -8.92
C ILE A 505 2.53 42.05 -7.49
N ALA A 506 3.86 41.92 -7.32
CA ALA A 506 4.49 41.97 -6.00
C ALA A 506 4.19 43.27 -5.25
N ASP A 507 4.37 44.42 -5.90
CA ASP A 507 3.96 45.72 -5.34
C ASP A 507 2.51 45.63 -4.81
N GLY A 508 1.59 45.06 -5.62
CA GLY A 508 0.18 44.90 -5.20
C GLY A 508 -0.08 44.10 -3.92
N VAL A 509 0.73 43.07 -3.67
CA VAL A 509 0.61 42.27 -2.44
C VAL A 509 1.53 42.81 -1.31
N HIS A 510 2.25 43.91 -1.58
CA HIS A 510 3.15 44.64 -0.64
C HIS A 510 4.48 43.93 -0.38
N MET A 511 5.04 43.39 -1.47
CA MET A 511 6.33 42.77 -1.50
C MET A 511 7.26 43.65 -2.35
N GLN A 512 8.47 43.90 -1.81
CA GLN A 512 9.55 44.55 -2.56
C GLN A 512 9.93 43.73 -3.75
N ALA A 513 10.26 44.40 -4.87
CA ALA A 513 10.46 43.69 -6.13
C ALA A 513 11.25 44.53 -7.11
N PHE A 514 11.82 43.84 -8.09
CA PHE A 514 12.60 44.40 -9.18
C PHE A 514 12.17 43.69 -10.45
N ARG A 515 12.28 44.40 -11.57
CA ARG A 515 12.15 43.82 -12.90
C ARG A 515 13.46 44.13 -13.65
N VAL A 516 14.04 43.11 -14.31
CA VAL A 516 15.29 43.26 -15.08
C VAL A 516 15.10 42.63 -16.45
N ASN A 517 15.79 43.18 -17.47
CA ASN A 517 15.78 42.58 -18.81
C ASN A 517 17.14 42.60 -19.50
N LYS A 518 18.19 42.97 -18.77
CA LYS A 518 19.54 43.00 -19.31
C LYS A 518 20.50 42.25 -18.39
N ILE A 519 21.45 41.54 -19.00
CA ILE A 519 22.45 40.81 -18.22
C ILE A 519 23.20 41.68 -17.19
N GLU A 520 23.66 42.86 -17.62
CA GLU A 520 24.41 43.79 -16.76
C GLU A 520 23.65 44.29 -15.53
N GLN A 521 22.33 44.15 -15.52
CA GLN A 521 21.51 44.59 -14.36
C GLN A 521 21.51 43.60 -13.20
N LEU A 522 21.96 42.38 -13.42
CA LEU A 522 21.77 41.30 -12.43
C LEU A 522 22.57 41.42 -11.12
N PRO A 523 23.89 41.74 -11.20
CA PRO A 523 24.66 41.69 -9.95
C PRO A 523 24.05 42.57 -8.86
N ASP A 524 23.71 43.81 -9.19
CA ASP A 524 23.23 44.72 -8.18
C ASP A 524 21.79 44.45 -7.71
N VAL A 525 20.94 44.02 -8.62
CA VAL A 525 19.59 43.60 -8.26
C VAL A 525 19.61 42.37 -7.33
N PHE A 526 20.46 41.39 -7.63
CA PHE A 526 20.55 40.17 -6.82
C PHE A 526 21.17 40.41 -5.46
N GLU A 527 22.15 41.31 -5.38
CA GLU A 527 22.72 41.74 -4.09
C GLU A 527 21.66 42.38 -3.20
N GLN A 528 20.85 43.27 -3.77
CA GLN A 528 19.79 43.89 -3.01
C GLN A 528 18.79 42.87 -2.50
N ALA A 529 18.37 41.97 -3.38
CA ALA A 529 17.42 40.92 -3.01
C ALA A 529 17.94 40.04 -1.85
N LYS A 530 19.22 39.68 -1.93
CA LYS A 530 19.91 38.84 -0.95
C LYS A 530 19.75 39.48 0.45
N ALA A 531 19.94 40.79 0.48
CA ALA A 531 19.86 41.59 1.70
C ALA A 531 18.43 41.76 2.21
N ILE A 532 17.49 42.13 1.33
CA ILE A 532 16.08 42.20 1.66
C ILE A 532 15.58 40.90 2.31
N ALA A 533 15.98 39.76 1.75
CA ALA A 533 15.56 38.45 2.24
C ALA A 533 16.23 38.05 3.54
N GLN A 534 16.98 38.94 4.16
CA GLN A 534 17.34 38.67 5.56
C GLN A 534 16.12 38.89 6.46
N HIS A 535 15.11 39.63 5.97
CA HIS A 535 13.95 39.95 6.81
C HIS A 535 12.58 39.82 6.16
N GLU A 536 12.49 39.91 4.83
CA GLU A 536 11.20 39.95 4.17
C GLU A 536 11.31 39.30 2.79
N PRO A 537 10.16 38.83 2.24
CA PRO A 537 10.20 38.30 0.88
C PRO A 537 10.55 39.39 -0.14
N VAL A 538 11.08 38.94 -1.27
CA VAL A 538 11.43 39.81 -2.38
C VAL A 538 11.14 39.05 -3.68
N LEU A 539 10.83 39.79 -4.74
CA LEU A 539 10.62 39.16 -6.07
C LEU A 539 11.51 39.78 -7.15
N ILE A 540 12.12 38.94 -7.97
CA ILE A 540 12.82 39.44 -9.16
C ILE A 540 12.08 38.93 -10.37
N ASP A 541 11.56 39.85 -11.18
CA ASP A 541 10.89 39.48 -12.43
C ASP A 541 11.94 39.59 -13.49
N ALA A 542 12.44 38.44 -13.98
CA ALA A 542 13.45 38.41 -15.05
C ALA A 542 12.82 38.22 -16.44
N VAL A 543 12.82 39.31 -17.20
CA VAL A 543 12.37 39.28 -18.59
C VAL A 543 13.48 38.64 -19.42
N ILE A 544 13.24 37.43 -19.91
CA ILE A 544 14.24 36.65 -20.62
C ILE A 544 13.85 36.50 -22.08
N THR A 545 14.80 36.08 -22.91
CA THR A 545 14.57 35.84 -24.33
C THR A 545 13.72 34.58 -24.52
N GLY A 546 13.22 34.42 -25.77
CA GLY A 546 12.52 33.24 -26.17
C GLY A 546 13.46 32.19 -26.76
N ASP A 547 14.76 32.29 -26.47
CA ASP A 547 15.70 31.24 -26.89
C ASP A 547 15.31 29.88 -26.34
N ARG A 548 15.35 28.87 -27.20
CA ARG A 548 15.11 27.49 -26.75
C ARG A 548 16.37 26.96 -26.10
N PRO A 549 16.26 26.35 -24.90
CA PRO A 549 17.49 25.74 -24.37
C PRO A 549 17.88 24.48 -25.14
N LEU A 550 19.18 24.21 -25.21
CA LEU A 550 19.68 23.02 -25.91
C LEU A 550 18.88 21.74 -25.56
N PRO A 551 18.31 21.05 -26.58
CA PRO A 551 17.64 19.80 -26.34
C PRO A 551 18.60 18.62 -26.28
N ALA A 552 18.89 18.17 -25.07
CA ALA A 552 19.85 17.07 -24.85
C ALA A 552 19.36 15.76 -25.49
N GLU A 553 18.05 15.67 -25.74
CA GLU A 553 17.40 14.52 -26.39
C GLU A 553 17.36 14.62 -27.92
N LYS A 554 17.83 15.74 -28.47
CA LYS A 554 17.83 15.96 -29.93
C LYS A 554 19.16 16.58 -30.35
N LEU A 555 20.27 15.92 -30.04
CA LEU A 555 21.59 16.52 -30.29
C LEU A 555 21.90 16.42 -31.78
N ARG A 556 22.46 17.48 -32.36
CA ARG A 556 22.90 17.42 -33.76
C ARG A 556 24.35 17.90 -33.82
N LEU A 557 25.27 17.02 -33.42
CA LEU A 557 26.69 17.38 -33.35
C LEU A 557 27.59 16.33 -33.98
N ASP A 558 27.03 15.17 -34.26
CA ASP A 558 27.84 14.04 -34.73
C ASP A 558 27.66 13.84 -36.23
N SER A 559 28.69 14.16 -37.00
CA SER A 559 28.60 14.12 -38.46
C SER A 559 28.33 12.73 -39.03
N ALA A 560 28.65 11.67 -38.30
CA ALA A 560 28.27 10.31 -38.68
C ALA A 560 26.77 10.06 -38.60
N MET A 561 26.03 10.94 -37.92
CA MET A 561 24.61 10.68 -37.62
C MET A 561 23.70 11.79 -38.15
N SER A 562 24.24 13.00 -38.36
CA SER A 562 23.42 14.14 -38.79
C SER A 562 24.08 14.84 -39.97
N SER A 563 23.26 15.48 -40.80
CA SER A 563 23.76 16.32 -41.87
C SER A 563 24.52 17.55 -41.38
N ALA A 564 25.38 18.09 -42.25
CA ALA A 564 26.09 19.34 -42.03
C ALA A 564 25.14 20.47 -41.76
N ALA A 565 24.05 20.51 -42.53
CA ALA A 565 23.06 21.58 -42.39
C ALA A 565 22.42 21.55 -40.98
N ASP A 566 22.12 20.35 -40.47
CA ASP A 566 21.44 20.20 -39.15
C ASP A 566 22.42 20.51 -38.02
N ILE A 567 23.68 20.10 -38.19
CA ILE A 567 24.73 20.41 -37.23
C ILE A 567 24.94 21.92 -37.11
N GLU A 568 25.12 22.58 -38.26
CA GLU A 568 25.31 24.03 -38.32
C GLU A 568 24.17 24.75 -37.68
N ALA A 569 22.95 24.42 -38.09
CA ALA A 569 21.77 25.08 -37.52
C ALA A 569 21.69 24.88 -35.98
N PHE A 570 22.03 23.69 -35.50
CA PHE A 570 21.99 23.36 -34.07
C PHE A 570 23.04 24.17 -33.25
N LYS A 571 24.30 24.09 -33.65
CA LYS A 571 25.36 24.96 -33.10
C LYS A 571 25.00 26.44 -33.08
N GLN A 572 24.46 26.97 -34.20
CA GLN A 572 24.15 28.38 -34.25
C GLN A 572 23.04 28.72 -33.26
N ARG A 573 21.96 27.90 -33.29
CA ARG A 573 20.78 28.15 -32.46
C ARG A 573 21.09 28.04 -30.97
N TYR A 574 21.90 27.05 -30.61
CA TYR A 574 22.17 26.79 -29.18
C TYR A 574 23.53 27.26 -28.71
N GLU A 575 24.22 28.04 -29.56
CA GLU A 575 25.52 28.66 -29.19
C GLU A 575 26.49 27.56 -28.77
N ALA A 576 26.45 26.47 -29.54
CA ALA A 576 27.09 25.17 -29.20
C ALA A 576 28.24 24.84 -30.15
N GLN A 577 28.82 25.87 -30.75
CA GLN A 577 29.98 25.74 -31.63
C GLN A 577 31.10 24.90 -31.00
N ASP A 578 31.31 25.01 -29.68
CA ASP A 578 32.42 24.33 -29.04
C ASP A 578 32.08 22.96 -28.43
N LEU A 579 30.82 22.53 -28.55
CA LEU A 579 30.45 21.18 -28.11
C LEU A 579 30.88 20.08 -29.09
N GLN A 580 31.35 18.98 -28.55
CA GLN A 580 31.68 17.81 -29.35
C GLN A 580 30.80 16.68 -28.91
N PRO A 581 30.45 15.77 -29.84
CA PRO A 581 29.70 14.57 -29.49
C PRO A 581 30.57 13.64 -28.67
N LEU A 582 29.96 12.76 -27.88
CA LEU A 582 30.72 11.78 -27.15
C LEU A 582 31.66 10.93 -28.04
N SER A 583 31.23 10.60 -29.27
CA SER A 583 32.05 9.75 -30.15
C SER A 583 33.46 10.30 -30.35
N THR A 584 33.61 11.62 -30.33
CA THR A 584 34.91 12.27 -30.39
C THR A 584 35.81 11.78 -29.27
N TYR A 585 35.25 11.71 -28.05
CA TYR A 585 36.04 11.28 -26.91
C TYR A 585 36.22 9.80 -26.88
N LEU A 586 35.20 9.07 -27.29
CA LEU A 586 35.30 7.61 -27.43
C LEU A 586 36.46 7.26 -28.38
N LYS A 587 36.50 7.91 -29.53
CA LYS A 587 37.54 7.67 -30.52
C LYS A 587 38.94 8.06 -30.04
N GLN A 588 39.06 9.17 -29.30
CA GLN A 588 40.34 9.57 -28.70
C GLN A 588 40.96 8.44 -27.85
N PHE A 589 40.13 7.75 -27.08
CA PHE A 589 40.65 6.69 -26.21
C PHE A 589 40.49 5.29 -26.80
N GLY A 590 40.30 5.21 -28.11
CA GLY A 590 40.37 3.93 -28.83
C GLY A 590 39.09 3.11 -28.85
N LEU A 591 37.97 3.72 -28.52
CA LEU A 591 36.68 3.00 -28.49
C LEU A 591 35.79 3.48 -29.62
N ASP A 592 35.20 2.57 -30.39
CA ASP A 592 34.29 3.02 -31.46
C ASP A 592 32.87 3.29 -30.90
N ASP A 593 32.16 4.22 -31.53
CA ASP A 593 30.77 4.52 -31.16
C ASP A 593 29.81 3.48 -31.78
N THR B 9 9.90 -14.35 -34.63
CA THR B 9 9.80 -12.89 -35.00
C THR B 9 8.57 -12.17 -34.36
N ASN B 10 7.37 -12.76 -34.47
CA ASN B 10 6.18 -12.19 -33.84
C ASN B 10 5.54 -13.22 -32.90
N ILE B 11 4.74 -12.76 -31.95
CA ILE B 11 3.99 -13.64 -31.06
C ILE B 11 2.63 -12.97 -30.86
N LEU B 12 1.56 -13.72 -30.69
CA LEU B 12 0.27 -13.12 -30.35
C LEU B 12 0.35 -12.54 -28.96
N ALA B 13 -0.14 -11.30 -28.77
CA ALA B 13 -0.10 -10.69 -27.43
C ALA B 13 -0.74 -11.60 -26.38
N GLY B 14 -1.82 -12.28 -26.76
CA GLY B 14 -2.44 -13.25 -25.88
C GLY B 14 -1.52 -14.39 -25.43
N ALA B 15 -0.76 -14.96 -26.36
CA ALA B 15 0.17 -16.04 -26.03
C ALA B 15 1.24 -15.53 -25.03
N ALA B 16 1.71 -14.31 -25.25
CA ALA B 16 2.66 -13.67 -24.34
C ALA B 16 2.12 -13.46 -22.91
N VAL B 17 0.85 -13.06 -22.80
CA VAL B 17 0.17 -12.92 -21.50
C VAL B 17 0.17 -14.23 -20.70
N ILE B 18 -0.12 -15.35 -21.37
CA ILE B 18 -0.10 -16.67 -20.73
C ILE B 18 1.32 -17.03 -20.32
N LYS B 19 2.30 -16.73 -21.16
CA LYS B 19 3.71 -16.90 -20.80
C LYS B 19 4.09 -16.07 -19.56
N VAL B 20 3.55 -14.85 -19.41
CA VAL B 20 3.74 -14.08 -18.14
C VAL B 20 3.18 -14.86 -16.95
N LEU B 21 1.97 -15.41 -17.09
CA LEU B 21 1.36 -16.17 -15.99
C LEU B 21 2.20 -17.37 -15.60
N GLU B 22 2.64 -18.12 -16.62
CA GLU B 22 3.52 -19.26 -16.44
C GLU B 22 4.86 -18.90 -15.81
N ALA B 23 5.44 -17.74 -16.17
CA ALA B 23 6.70 -17.28 -15.55
C ALA B 23 6.54 -17.03 -14.05
N TRP B 24 5.39 -16.49 -13.65
CA TRP B 24 5.06 -16.27 -12.23
C TRP B 24 4.57 -17.56 -11.52
N GLY B 25 4.56 -18.68 -12.22
CA GLY B 25 4.26 -19.97 -11.61
C GLY B 25 2.78 -20.18 -11.32
N VAL B 26 1.91 -19.49 -12.03
CA VAL B 26 0.47 -19.71 -11.91
C VAL B 26 0.11 -21.12 -12.44
N ASP B 27 -0.32 -21.98 -11.54
CA ASP B 27 -0.64 -23.37 -11.87
C ASP B 27 -2.05 -23.52 -12.49
N HIS B 28 -3.01 -22.79 -11.95
CA HIS B 28 -4.41 -22.92 -12.35
C HIS B 28 -5.15 -21.59 -12.20
N LEU B 29 -6.15 -21.39 -13.03
CA LEU B 29 -6.94 -20.16 -12.94
C LEU B 29 -8.41 -20.47 -13.25
N TYR B 30 -9.33 -19.60 -12.85
CA TYR B 30 -10.76 -19.89 -12.91
C TYR B 30 -11.51 -18.85 -13.72
N GLY B 31 -12.57 -19.28 -14.39
CA GLY B 31 -13.42 -18.33 -15.09
C GLY B 31 -14.47 -18.97 -15.96
N ILE B 32 -15.29 -18.12 -16.57
CA ILE B 32 -16.27 -18.55 -17.53
C ILE B 32 -16.07 -17.74 -18.81
N PRO B 33 -15.99 -18.42 -19.99
CA PRO B 33 -15.69 -17.68 -21.23
C PRO B 33 -16.86 -16.84 -21.71
N GLY B 34 -16.58 -15.93 -22.66
CA GLY B 34 -17.58 -15.08 -23.31
C GLY B 34 -16.93 -14.52 -24.54
N GLY B 35 -17.71 -14.02 -25.49
CA GLY B 35 -17.11 -13.40 -26.69
C GLY B 35 -16.08 -12.30 -26.38
N SER B 36 -16.32 -11.57 -25.31
CA SER B 36 -15.43 -10.45 -24.93
C SER B 36 -14.12 -10.93 -24.29
N ILE B 37 -13.98 -12.24 -24.06
CA ILE B 37 -12.73 -12.77 -23.48
C ILE B 37 -12.21 -14.01 -24.22
N ASN B 38 -12.73 -14.24 -25.43
CA ASN B 38 -12.41 -15.42 -26.21
C ASN B 38 -10.98 -15.41 -26.79
N SER B 39 -10.34 -14.25 -26.84
CA SER B 39 -8.95 -14.25 -27.34
C SER B 39 -7.97 -14.68 -26.24
N ILE B 40 -8.27 -14.37 -24.99
CA ILE B 40 -7.56 -14.96 -23.84
C ILE B 40 -7.85 -16.46 -23.73
N MET B 41 -9.12 -16.84 -23.90
CA MET B 41 -9.46 -18.27 -23.99
C MET B 41 -8.63 -19.02 -25.06
N ASP B 42 -8.48 -18.40 -26.23
CA ASP B 42 -7.72 -18.96 -27.34
C ASP B 42 -6.25 -19.22 -26.95
N ALA B 43 -5.64 -18.28 -26.23
CA ALA B 43 -4.27 -18.47 -25.77
C ALA B 43 -4.13 -19.57 -24.69
N LEU B 44 -5.11 -19.65 -23.79
CA LEU B 44 -5.13 -20.67 -22.74
C LEU B 44 -5.25 -22.04 -23.38
N SER B 45 -6.12 -22.13 -24.39
CA SER B 45 -6.42 -23.38 -25.08
C SER B 45 -5.16 -24.04 -25.65
N ALA B 46 -4.25 -23.22 -26.18
CA ALA B 46 -2.94 -23.69 -26.68
C ALA B 46 -1.93 -24.10 -25.60
N GLU B 47 -2.18 -23.69 -24.34
CA GLU B 47 -1.26 -23.91 -23.22
C GLU B 47 -1.84 -24.79 -22.10
N ARG B 48 -2.71 -25.72 -22.48
CA ARG B 48 -3.35 -26.62 -21.51
C ARG B 48 -2.38 -27.48 -20.70
N ASP B 49 -1.22 -27.80 -21.29
CA ASP B 49 -0.23 -28.62 -20.60
C ASP B 49 0.42 -27.88 -19.42
N ARG B 50 0.73 -26.59 -19.59
CA ARG B 50 1.50 -25.87 -18.58
C ARG B 50 0.68 -24.98 -17.65
N ILE B 51 -0.61 -24.81 -17.94
CA ILE B 51 -1.47 -23.99 -17.08
C ILE B 51 -2.87 -24.54 -17.16
N HIS B 52 -3.45 -24.77 -15.99
CA HIS B 52 -4.70 -25.50 -15.90
C HIS B 52 -5.92 -24.59 -15.69
N TYR B 53 -6.76 -24.54 -16.73
CA TYR B 53 -7.97 -23.77 -16.71
C TYR B 53 -9.07 -24.56 -16.06
N ILE B 54 -9.70 -23.94 -15.07
CA ILE B 54 -10.81 -24.54 -14.34
C ILE B 54 -12.08 -23.78 -14.67
N GLN B 55 -12.96 -24.40 -15.45
CA GLN B 55 -14.24 -23.78 -15.76
C GLN B 55 -15.23 -23.97 -14.62
N VAL B 56 -15.53 -22.86 -13.93
CA VAL B 56 -16.56 -22.84 -12.85
C VAL B 56 -17.98 -22.64 -13.41
N ARG B 57 -19.00 -22.84 -12.59
CA ARG B 57 -20.40 -22.62 -13.01
C ARG B 57 -20.97 -21.22 -12.62
N HIS B 58 -20.24 -20.49 -11.78
CA HIS B 58 -20.59 -19.10 -11.45
C HIS B 58 -19.27 -18.38 -11.18
N GLU B 59 -19.08 -17.23 -11.80
CA GLU B 59 -17.78 -16.55 -11.70
C GLU B 59 -17.40 -16.15 -10.27
N GLU B 60 -18.37 -15.99 -9.35
CA GLU B 60 -17.99 -15.68 -7.96
C GLU B 60 -17.18 -16.82 -7.33
N VAL B 61 -17.51 -18.06 -7.69
CA VAL B 61 -16.75 -19.26 -7.21
C VAL B 61 -15.30 -19.20 -7.70
N GLY B 62 -15.10 -18.81 -8.96
CA GLY B 62 -13.76 -18.56 -9.49
C GLY B 62 -12.97 -17.52 -8.71
N ALA B 63 -13.62 -16.39 -8.39
CA ALA B 63 -12.94 -15.34 -7.65
C ALA B 63 -12.66 -15.80 -6.21
N MET B 64 -13.62 -16.49 -5.59
CA MET B 64 -13.42 -16.97 -4.22
C MET B 64 -12.34 -18.05 -4.16
N ALA B 65 -12.30 -18.94 -5.16
CA ALA B 65 -11.26 -19.96 -5.23
C ALA B 65 -9.87 -19.35 -5.49
N ALA B 66 -9.79 -18.27 -6.28
CA ALA B 66 -8.55 -17.52 -6.47
C ALA B 66 -8.02 -16.96 -5.17
N ALA B 67 -8.91 -16.38 -4.37
CA ALA B 67 -8.54 -15.81 -3.05
C ALA B 67 -8.05 -16.93 -2.15
N ALA B 68 -8.74 -18.07 -2.20
CA ALA B 68 -8.38 -19.25 -1.40
C ALA B 68 -7.01 -19.82 -1.78
N ASP B 69 -6.73 -19.91 -3.09
CA ASP B 69 -5.36 -20.24 -3.56
C ASP B 69 -4.32 -19.41 -2.81
N ALA B 70 -4.52 -18.09 -2.78
CA ALA B 70 -3.57 -17.17 -2.16
C ALA B 70 -3.53 -17.34 -0.63
N LYS B 71 -4.69 -17.58 -0.02
CA LYS B 71 -4.78 -17.86 1.43
C LYS B 71 -3.95 -19.07 1.86
N LEU B 72 -4.02 -20.11 1.03
CA LEU B 72 -3.35 -21.38 1.30
C LEU B 72 -1.86 -21.40 0.99
N THR B 73 -1.46 -20.87 -0.18
CA THR B 73 -0.11 -21.07 -0.67
C THR B 73 0.76 -19.82 -0.59
N GLY B 74 0.12 -18.66 -0.47
CA GLY B 74 0.86 -17.39 -0.56
C GLY B 74 1.15 -16.98 -1.99
N LYS B 75 0.69 -17.78 -2.96
CA LYS B 75 0.94 -17.48 -4.37
C LYS B 75 -0.31 -16.78 -4.95
N ILE B 76 -0.11 -15.89 -5.89
CA ILE B 76 -1.21 -15.10 -6.45
C ILE B 76 -2.30 -16.02 -7.01
N GLY B 77 -3.56 -15.71 -6.69
CA GLY B 77 -4.69 -16.44 -7.26
C GLY B 77 -5.11 -15.72 -8.53
N VAL B 78 -5.59 -16.47 -9.53
CA VAL B 78 -5.99 -15.86 -10.79
C VAL B 78 -7.41 -16.27 -11.23
N CYS B 79 -8.23 -15.29 -11.58
CA CYS B 79 -9.58 -15.51 -12.10
C CYS B 79 -9.91 -14.53 -13.23
N PHE B 80 -11.03 -14.76 -13.91
CA PHE B 80 -11.51 -13.88 -14.95
C PHE B 80 -13.04 -13.96 -15.13
N GLY B 81 -13.59 -12.92 -15.74
CA GLY B 81 -15.01 -12.91 -16.09
C GLY B 81 -15.13 -12.13 -17.37
N SER B 82 -16.10 -12.50 -18.20
CA SER B 82 -16.38 -11.76 -19.42
C SER B 82 -16.97 -10.37 -19.12
N ALA B 83 -17.00 -9.51 -20.14
CA ALA B 83 -17.47 -8.12 -20.00
C ALA B 83 -18.83 -8.05 -19.37
N GLY B 84 -19.06 -7.01 -18.58
CA GLY B 84 -20.37 -6.84 -17.94
C GLY B 84 -20.58 -7.84 -16.83
N PRO B 85 -21.60 -8.71 -16.96
CA PRO B 85 -22.01 -9.60 -15.89
C PRO B 85 -21.01 -10.68 -15.46
N GLY B 86 -20.05 -11.05 -16.32
CA GLY B 86 -19.04 -12.05 -15.96
C GLY B 86 -18.16 -11.45 -14.88
N GLY B 87 -17.66 -10.25 -15.14
CA GLY B 87 -16.83 -9.58 -14.19
C GLY B 87 -17.56 -9.13 -12.92
N THR B 88 -18.79 -8.62 -13.03
CA THR B 88 -19.47 -8.15 -11.78
C THR B 88 -19.78 -9.32 -10.84
N HIS B 89 -19.96 -10.52 -11.41
CA HIS B 89 -20.06 -11.77 -10.62
C HIS B 89 -18.83 -12.08 -9.74
N LEU B 90 -17.67 -11.54 -10.11
CA LEU B 90 -16.41 -11.79 -9.36
C LEU B 90 -16.41 -11.14 -7.99
N MET B 91 -17.27 -10.12 -7.80
CA MET B 91 -17.14 -9.16 -6.69
C MET B 91 -17.02 -9.74 -5.29
N ASN B 92 -17.82 -10.74 -4.94
CA ASN B 92 -17.72 -11.29 -3.57
C ASN B 92 -16.37 -11.95 -3.28
N GLY B 93 -15.79 -12.56 -4.30
CA GLY B 93 -14.43 -13.13 -4.24
C GLY B 93 -13.33 -12.07 -4.16
N LEU B 94 -13.51 -10.98 -4.91
CA LEU B 94 -12.52 -9.89 -4.93
C LEU B 94 -12.49 -9.05 -3.65
N TYR B 95 -13.68 -8.77 -3.11
CA TYR B 95 -13.78 -8.10 -1.80
C TYR B 95 -13.19 -9.01 -0.72
N ASP B 96 -13.40 -10.32 -0.85
CA ASP B 96 -12.81 -11.25 0.11
C ASP B 96 -11.27 -11.18 0.06
N ALA B 97 -10.70 -11.10 -1.13
CA ALA B 97 -9.25 -10.99 -1.25
C ALA B 97 -8.74 -9.63 -0.74
N ARG B 98 -9.45 -8.56 -1.05
CA ARG B 98 -9.09 -7.27 -0.48
C ARG B 98 -9.10 -7.33 1.05
N GLU B 99 -10.20 -7.79 1.64
CA GLU B 99 -10.35 -7.70 3.10
C GLU B 99 -9.43 -8.69 3.81
N ASP B 100 -9.19 -9.85 3.18
CA ASP B 100 -8.26 -10.84 3.69
C ASP B 100 -6.83 -10.62 3.23
N HIS B 101 -6.59 -9.51 2.52
CA HIS B 101 -5.27 -9.04 2.07
C HIS B 101 -4.39 -10.15 1.47
N VAL B 102 -4.93 -10.84 0.47
CA VAL B 102 -4.20 -11.84 -0.29
C VAL B 102 -4.11 -11.42 -1.78
N PRO B 103 -2.98 -11.76 -2.45
CA PRO B 103 -2.81 -11.37 -3.87
C PRO B 103 -3.72 -12.10 -4.85
N VAL B 104 -4.45 -11.32 -5.65
CA VAL B 104 -5.33 -11.87 -6.70
C VAL B 104 -5.28 -11.03 -7.96
N LEU B 105 -5.14 -11.70 -9.10
CA LEU B 105 -5.28 -11.08 -10.42
C LEU B 105 -6.64 -11.44 -11.00
N ALA B 106 -7.41 -10.43 -11.39
CA ALA B 106 -8.67 -10.61 -12.08
C ALA B 106 -8.59 -9.97 -13.46
N LEU B 107 -8.81 -10.77 -14.49
CA LEU B 107 -8.94 -10.28 -15.86
C LEU B 107 -10.42 -10.13 -16.23
N ILE B 108 -10.75 -8.98 -16.82
CA ILE B 108 -12.11 -8.68 -17.21
C ILE B 108 -12.18 -8.55 -18.73
N GLY B 109 -13.07 -9.33 -19.35
CA GLY B 109 -13.39 -9.12 -20.76
C GLY B 109 -13.84 -7.69 -21.06
N GLN B 110 -13.55 -7.23 -22.26
CA GLN B 110 -14.09 -5.97 -22.78
C GLN B 110 -14.26 -6.10 -24.31
N PHE B 111 -15.25 -5.39 -24.86
CA PHE B 111 -15.46 -5.28 -26.31
C PHE B 111 -14.17 -4.74 -26.91
N GLY B 112 -13.94 -5.03 -28.18
CA GLY B 112 -12.72 -4.57 -28.87
C GLY B 112 -12.66 -3.06 -28.96
N THR B 113 -11.44 -2.52 -29.04
CA THR B 113 -11.26 -1.06 -29.13
C THR B 113 -12.07 -0.31 -30.22
N THR B 114 -12.48 -1.00 -31.30
CA THR B 114 -13.24 -0.35 -32.37
C THR B 114 -14.70 -0.17 -31.97
N GLY B 115 -15.15 -0.93 -30.97
CA GLY B 115 -16.54 -0.80 -30.52
C GLY B 115 -16.72 -0.20 -29.14
N MET B 116 -15.64 -0.07 -28.37
CA MET B 116 -15.73 0.64 -27.09
C MET B 116 -16.31 2.04 -27.26
N ASN B 117 -17.11 2.44 -26.27
CA ASN B 117 -17.74 3.76 -26.22
C ASN B 117 -18.75 4.01 -27.33
N MET B 118 -19.23 2.92 -27.94
CA MET B 118 -20.25 3.01 -29.02
C MET B 118 -21.65 2.68 -28.50
N ASP B 119 -21.76 2.38 -27.22
CA ASP B 119 -22.98 1.85 -26.59
C ASP B 119 -23.50 0.63 -27.36
N THR B 120 -22.62 -0.34 -27.51
CA THR B 120 -23.01 -1.59 -28.13
C THR B 120 -23.35 -2.66 -27.07
N PHE B 121 -23.58 -3.88 -27.51
CA PHE B 121 -24.07 -4.96 -26.67
C PHE B 121 -23.08 -5.27 -25.55
N GLN B 122 -23.57 -5.29 -24.30
CA GLN B 122 -22.75 -5.60 -23.11
C GLN B 122 -21.49 -4.73 -23.01
N GLU B 123 -21.51 -3.54 -23.61
CA GLU B 123 -20.34 -2.66 -23.66
C GLU B 123 -20.59 -1.44 -22.78
N MET B 124 -19.66 -1.18 -21.87
CA MET B 124 -19.79 -0.07 -20.95
C MET B 124 -18.39 0.30 -20.51
N ASN B 125 -18.28 1.40 -19.81
CA ASN B 125 -17.02 1.75 -19.19
C ASN B 125 -16.89 0.89 -17.91
N GLU B 126 -16.03 -0.11 -17.99
CA GLU B 126 -15.89 -1.10 -16.93
C GLU B 126 -14.90 -0.65 -15.86
N ASN B 127 -14.08 0.33 -16.17
CA ASN B 127 -13.08 0.76 -15.20
C ASN B 127 -13.63 1.24 -13.84
N PRO B 128 -14.72 2.04 -13.83
CA PRO B 128 -15.21 2.49 -12.50
C PRO B 128 -15.81 1.36 -11.66
N ILE B 129 -16.21 0.27 -12.30
CA ILE B 129 -16.72 -0.91 -11.56
C ILE B 129 -15.74 -1.44 -10.48
N TYR B 130 -14.44 -1.44 -10.81
CA TYR B 130 -13.42 -2.15 -10.01
C TYR B 130 -12.54 -1.18 -9.22
N ALA B 131 -12.85 0.11 -9.27
CA ALA B 131 -12.01 1.14 -8.64
C ALA B 131 -11.88 0.98 -7.11
N ASP B 132 -12.99 0.62 -6.49
CA ASP B 132 -13.01 0.46 -5.02
C ASP B 132 -12.32 -0.80 -4.48
N VAL B 133 -12.59 -1.96 -5.09
CA VAL B 133 -11.99 -3.22 -4.61
C VAL B 133 -10.49 -3.35 -4.93
N ALA B 134 -10.04 -2.69 -5.98
CA ALA B 134 -8.76 -2.99 -6.56
C ALA B 134 -7.65 -2.08 -6.11
N ASP B 135 -6.50 -2.67 -5.79
CA ASP B 135 -5.26 -1.93 -5.56
C ASP B 135 -4.72 -1.35 -6.89
N TYR B 136 -4.90 -2.10 -7.97
CA TYR B 136 -4.45 -1.70 -9.32
C TYR B 136 -5.62 -2.02 -10.25
N ASN B 137 -6.02 -1.04 -11.05
CA ASN B 137 -7.26 -1.13 -11.80
C ASN B 137 -7.16 -0.39 -13.12
N VAL B 138 -6.93 -1.13 -14.21
CA VAL B 138 -6.62 -0.47 -15.48
C VAL B 138 -7.28 -1.14 -16.69
N THR B 139 -7.62 -0.32 -17.70
CA THR B 139 -8.08 -0.83 -18.99
C THR B 139 -6.87 -0.80 -19.95
N ALA B 140 -6.51 -1.97 -20.48
CA ALA B 140 -5.43 -2.04 -21.48
C ALA B 140 -5.88 -1.47 -22.79
N VAL B 141 -5.00 -0.74 -23.46
CA VAL B 141 -5.34 -0.08 -24.72
C VAL B 141 -4.34 -0.35 -25.88
N ASN B 142 -3.36 -1.23 -25.66
CA ASN B 142 -2.30 -1.50 -26.62
C ASN B 142 -1.87 -2.98 -26.47
N ALA B 143 -1.68 -3.68 -27.58
CA ALA B 143 -1.27 -5.08 -27.54
C ALA B 143 0.18 -5.24 -27.11
N ALA B 144 1.08 -4.40 -27.67
CA ALA B 144 2.51 -4.48 -27.39
C ALA B 144 2.89 -4.36 -25.91
N THR B 145 2.17 -3.53 -25.17
CA THR B 145 2.40 -3.38 -23.73
C THR B 145 1.50 -4.26 -22.86
N LEU B 146 0.64 -5.07 -23.48
CA LEU B 146 -0.26 -5.88 -22.65
C LEU B 146 0.50 -6.86 -21.70
N PRO B 147 1.52 -7.60 -22.21
CA PRO B 147 2.28 -8.46 -21.27
C PRO B 147 2.82 -7.67 -20.07
N HIS B 148 3.34 -6.48 -20.30
CA HIS B 148 3.83 -5.65 -19.21
C HIS B 148 2.77 -5.25 -18.20
N VAL B 149 1.57 -4.92 -18.69
CA VAL B 149 0.46 -4.57 -17.83
C VAL B 149 0.02 -5.75 -16.93
N ILE B 150 -0.01 -6.96 -17.51
CA ILE B 150 -0.27 -8.16 -16.74
C ILE B 150 0.85 -8.38 -15.68
N ASP B 151 2.11 -8.31 -16.12
CA ASP B 151 3.26 -8.39 -15.20
C ASP B 151 3.17 -7.34 -14.07
N GLU B 152 2.82 -6.09 -14.41
CA GLU B 152 2.68 -4.98 -13.45
C GLU B 152 1.57 -5.29 -12.43
N ALA B 153 0.45 -5.80 -12.95
CA ALA B 153 -0.67 -6.21 -12.13
C ALA B 153 -0.27 -7.25 -11.08
N ILE B 154 0.40 -8.31 -11.52
CA ILE B 154 0.91 -9.36 -10.63
C ILE B 154 1.92 -8.83 -9.59
N ARG B 155 2.89 -8.06 -10.05
CA ARG B 155 3.93 -7.55 -9.17
C ARG B 155 3.29 -6.67 -8.06
N ARG B 156 2.31 -5.84 -8.46
CA ARG B 156 1.59 -4.99 -7.51
C ARG B 156 0.66 -5.75 -6.54
N ALA B 157 -0.08 -6.73 -7.06
CA ALA B 157 -0.92 -7.60 -6.20
C ALA B 157 -0.07 -8.25 -5.07
N TYR B 158 1.11 -8.76 -5.44
CA TYR B 158 2.02 -9.34 -4.46
C TYR B 158 2.57 -8.28 -3.48
N ALA B 159 3.08 -7.17 -4.02
CA ALA B 159 3.68 -6.11 -3.22
C ALA B 159 2.69 -5.51 -2.24
N HIS B 160 1.44 -5.38 -2.68
CA HIS B 160 0.47 -4.65 -1.86
C HIS B 160 -0.55 -5.60 -1.25
N GLN B 161 -0.39 -6.90 -1.49
CA GLN B 161 -1.25 -7.92 -0.87
C GLN B 161 -2.76 -7.64 -1.10
N GLY B 162 -3.13 -7.50 -2.38
CA GLY B 162 -4.50 -7.20 -2.71
C GLY B 162 -4.85 -7.55 -4.15
N VAL B 163 -5.93 -6.95 -4.63
CA VAL B 163 -6.50 -7.30 -5.94
C VAL B 163 -5.99 -6.37 -7.04
N ALA B 164 -5.45 -6.95 -8.12
CA ALA B 164 -5.19 -6.20 -9.33
C ALA B 164 -6.19 -6.61 -10.39
N VAL B 165 -6.75 -5.61 -11.07
CA VAL B 165 -7.78 -5.84 -12.05
C VAL B 165 -7.34 -5.21 -13.38
N VAL B 166 -7.46 -5.98 -14.47
CA VAL B 166 -7.13 -5.52 -15.81
C VAL B 166 -8.29 -5.82 -16.76
N GLN B 167 -8.90 -4.76 -17.29
CA GLN B 167 -9.90 -4.86 -18.36
C GLN B 167 -9.20 -4.97 -19.71
N ILE B 168 -9.52 -6.02 -20.47
CA ILE B 168 -8.82 -6.29 -21.73
C ILE B 168 -9.78 -6.28 -22.94
N PRO B 169 -9.67 -5.22 -23.79
CA PRO B 169 -10.42 -5.21 -25.05
C PRO B 169 -10.03 -6.45 -25.85
N VAL B 170 -11.04 -7.19 -26.32
CA VAL B 170 -10.83 -8.56 -26.87
C VAL B 170 -9.94 -8.63 -28.15
N ASP B 171 -9.83 -7.52 -28.89
CA ASP B 171 -8.98 -7.46 -30.06
C ASP B 171 -7.49 -7.54 -29.71
N LEU B 172 -7.11 -6.99 -28.56
CA LEU B 172 -5.67 -6.85 -28.28
C LEU B 172 -4.96 -8.21 -28.20
N PRO B 173 -5.52 -9.19 -27.46
CA PRO B 173 -4.81 -10.49 -27.39
C PRO B 173 -4.70 -11.29 -28.70
N TRP B 174 -5.42 -10.90 -29.76
CA TRP B 174 -5.23 -11.52 -31.09
C TRP B 174 -4.24 -10.75 -31.98
N GLN B 175 -3.67 -9.66 -31.47
CA GLN B 175 -2.73 -8.91 -32.31
C GLN B 175 -1.30 -9.45 -32.16
N GLN B 176 -0.59 -9.49 -33.29
CA GLN B 176 0.85 -9.82 -33.28
C GLN B 176 1.65 -8.69 -32.66
N ILE B 177 2.65 -9.07 -31.86
CA ILE B 177 3.64 -8.15 -31.28
C ILE B 177 5.00 -8.82 -31.48
N PRO B 178 6.11 -8.03 -31.47
CA PRO B 178 7.45 -8.60 -31.61
C PRO B 178 7.74 -9.65 -30.54
N ALA B 179 8.34 -10.78 -30.94
CA ALA B 179 8.50 -11.92 -30.05
C ALA B 179 9.52 -11.67 -28.94
N GLU B 180 10.42 -10.71 -29.18
CA GLU B 180 11.62 -10.51 -28.36
C GLU B 180 11.48 -9.35 -27.35
N ASP B 181 10.41 -8.58 -27.48
CA ASP B 181 10.23 -7.38 -26.63
C ASP B 181 9.68 -7.60 -25.19
N TRP B 182 8.62 -8.39 -25.07
CA TRP B 182 7.94 -8.60 -23.79
C TRP B 182 8.81 -9.45 -22.83
N TYR B 183 8.64 -9.21 -21.53
CA TYR B 183 9.30 -10.05 -20.54
C TYR B 183 8.37 -10.14 -19.31
N ALA B 184 8.65 -11.11 -18.44
CA ALA B 184 8.04 -11.15 -17.10
C ALA B 184 9.09 -10.77 -16.08
N SER B 185 8.67 -10.15 -14.97
CA SER B 185 9.62 -9.84 -13.91
C SER B 185 9.58 -10.86 -12.77
N ALA B 186 9.04 -12.04 -13.03
CA ALA B 186 9.00 -13.08 -12.00
C ALA B 186 10.41 -13.42 -11.46
N ASN B 187 11.43 -13.31 -12.32
CA ASN B 187 12.82 -13.66 -11.96
C ASN B 187 13.41 -12.72 -10.90
N SER B 188 12.88 -11.50 -10.83
CA SER B 188 13.33 -10.51 -9.82
C SER B 188 12.65 -10.69 -8.47
N TYR B 189 11.59 -11.52 -8.40
CA TYR B 189 10.78 -11.61 -7.19
C TYR B 189 11.55 -12.21 -6.04
N GLN B 190 11.51 -11.55 -4.88
CA GLN B 190 12.11 -12.14 -3.68
C GLN B 190 11.36 -11.72 -2.41
N THR B 191 11.60 -12.44 -1.33
CA THR B 191 11.07 -12.05 -0.02
C THR B 191 12.16 -11.24 0.71
N PRO B 192 11.77 -10.21 1.50
CA PRO B 192 12.79 -9.40 2.15
C PRO B 192 13.57 -10.16 3.26
N LEU B 193 14.82 -9.76 3.46
CA LEU B 193 15.61 -10.17 4.61
C LEU B 193 15.41 -9.09 5.68
N LEU B 194 14.65 -9.43 6.72
CA LEU B 194 14.29 -8.47 7.78
C LEU B 194 15.38 -8.36 8.81
N PRO B 195 15.56 -7.17 9.42
CA PRO B 195 16.49 -7.11 10.55
C PRO B 195 15.97 -7.87 11.79
N GLU B 196 16.84 -8.10 12.78
CA GLU B 196 16.39 -8.63 14.07
C GLU B 196 15.78 -7.47 14.87
N PRO B 197 14.78 -7.76 15.75
CA PRO B 197 14.28 -6.67 16.61
C PRO B 197 15.40 -6.21 17.57
N ASP B 198 15.42 -4.94 17.95
CA ASP B 198 16.44 -4.43 18.87
C ASP B 198 16.28 -5.10 20.22
N VAL B 199 17.42 -5.51 20.80
CA VAL B 199 17.44 -6.14 22.11
C VAL B 199 16.81 -5.25 23.18
N GLN B 200 16.96 -3.95 23.07
CA GLN B 200 16.49 -3.06 24.15
C GLN B 200 14.98 -3.03 24.24
N ALA B 201 14.33 -3.05 23.09
CA ALA B 201 12.87 -2.98 23.00
C ALA B 201 12.30 -4.29 23.52
N VAL B 202 12.87 -5.40 23.03
CA VAL B 202 12.49 -6.74 23.43
C VAL B 202 12.63 -6.91 24.95
N THR B 203 13.74 -6.38 25.49
CA THR B 203 14.00 -6.45 26.92
C THR B 203 12.95 -5.69 27.75
N ARG B 204 12.58 -4.50 27.30
CA ARG B 204 11.64 -3.62 27.96
C ARG B 204 10.29 -4.33 27.94
N LEU B 205 9.94 -4.87 26.77
CA LEU B 205 8.67 -5.55 26.60
C LEU B 205 8.58 -6.79 27.50
N THR B 206 9.65 -7.56 27.55
CA THR B 206 9.73 -8.75 28.38
C THR B 206 9.54 -8.42 29.88
N GLN B 207 10.17 -7.33 30.36
CA GLN B 207 10.10 -6.98 31.76
C GLN B 207 8.66 -6.69 32.13
N THR B 208 7.96 -5.98 31.26
CA THR B 208 6.57 -5.62 31.54
C THR B 208 5.67 -6.84 31.53
N LEU B 209 5.88 -7.74 30.58
CA LEU B 209 5.07 -8.98 30.50
C LEU B 209 5.28 -9.84 31.76
N LEU B 210 6.54 -9.92 32.22
CA LEU B 210 6.88 -10.75 33.37
C LEU B 210 6.45 -10.15 34.71
N ALA B 211 6.48 -8.83 34.84
CA ALA B 211 5.97 -8.18 36.05
C ALA B 211 4.43 -8.31 36.26
N ALA B 212 3.68 -8.73 35.24
CA ALA B 212 2.22 -8.75 35.31
C ALA B 212 1.76 -9.80 36.29
N GLU B 213 0.60 -9.59 36.90
CA GLU B 213 0.05 -10.59 37.79
C GLU B 213 -0.87 -11.51 37.02
N ARG B 214 -1.51 -10.99 35.98
CA ARG B 214 -2.45 -11.79 35.21
C ARG B 214 -2.19 -11.63 33.70
N PRO B 215 -1.02 -12.10 33.22
CA PRO B 215 -0.65 -11.90 31.80
C PRO B 215 -1.40 -12.80 30.81
N LEU B 216 -1.54 -12.31 29.58
CA LEU B 216 -1.99 -13.15 28.45
C LEU B 216 -1.19 -12.78 27.23
N ILE B 217 -0.93 -13.77 26.39
CA ILE B 217 -0.41 -13.56 25.05
C ILE B 217 -1.57 -13.83 24.10
N TYR B 218 -1.88 -12.83 23.29
CA TYR B 218 -3.03 -12.80 22.40
C TYR B 218 -2.54 -12.64 20.96
N TYR B 219 -2.40 -13.75 20.24
CA TYR B 219 -1.83 -13.70 18.89
C TYR B 219 -2.88 -13.86 17.77
N GLY B 220 -2.51 -13.35 16.58
CA GLY B 220 -3.31 -13.57 15.38
C GLY B 220 -2.45 -14.28 14.38
N ILE B 221 -2.91 -14.30 13.11
CA ILE B 221 -2.22 -15.07 12.09
C ILE B 221 -0.85 -14.48 11.64
N GLY B 222 -0.54 -13.26 12.09
CA GLY B 222 0.79 -12.71 11.92
C GLY B 222 1.83 -13.51 12.69
N ALA B 223 1.39 -14.31 13.66
CA ALA B 223 2.26 -15.25 14.35
C ALA B 223 2.23 -16.68 13.80
N ARG B 224 1.81 -16.88 12.55
CA ARG B 224 1.66 -18.23 12.00
C ARG B 224 2.98 -19.02 11.97
N LYS B 225 4.11 -18.33 11.90
CA LYS B 225 5.42 -19.06 11.93
C LYS B 225 5.97 -19.26 13.35
N ALA B 226 5.24 -18.83 14.36
CA ALA B 226 5.77 -18.77 15.73
C ALA B 226 5.06 -19.73 16.69
N GLY B 227 4.40 -20.75 16.14
CA GLY B 227 3.72 -21.76 16.95
C GLY B 227 4.55 -22.36 18.08
N LYS B 228 5.78 -22.77 17.73
CA LYS B 228 6.73 -23.36 18.69
C LYS B 228 7.09 -22.38 19.84
N GLU B 229 7.44 -21.14 19.47
CA GLU B 229 7.85 -20.12 20.44
C GLU B 229 6.68 -19.77 21.37
N LEU B 230 5.47 -19.67 20.82
CA LEU B 230 4.27 -19.31 21.55
C LEU B 230 3.99 -20.30 22.67
N GLU B 231 3.98 -21.59 22.33
CA GLU B 231 3.69 -22.65 23.26
C GLU B 231 4.79 -22.80 24.32
N GLN B 232 6.04 -22.65 23.90
CA GLN B 232 7.14 -22.71 24.84
C GLN B 232 7.20 -21.50 25.78
N LEU B 233 6.97 -20.30 25.28
CA LEU B 233 6.81 -19.13 26.18
C LEU B 233 5.69 -19.37 27.21
N SER B 234 4.52 -19.80 26.75
CA SER B 234 3.41 -20.11 27.62
C SER B 234 3.81 -21.12 28.73
N LYS B 235 4.35 -22.28 28.35
CA LYS B 235 4.74 -23.31 29.33
C LYS B 235 5.79 -22.81 30.33
N THR B 236 6.85 -22.18 29.80
CA THR B 236 7.97 -21.69 30.62
C THR B 236 7.53 -20.62 31.62
N LEU B 237 6.80 -19.62 31.12
CA LEU B 237 6.45 -18.43 31.91
C LEU B 237 5.11 -18.62 32.63
N LYS B 238 4.38 -19.68 32.29
CA LYS B 238 3.06 -19.95 32.87
C LYS B 238 2.09 -18.82 32.47
N ILE B 239 2.03 -18.52 31.17
CA ILE B 239 1.16 -17.45 30.68
C ILE B 239 0.20 -18.10 29.70
N PRO B 240 -1.12 -18.05 29.99
CA PRO B 240 -2.12 -18.66 29.08
C PRO B 240 -2.08 -18.00 27.70
N LEU B 241 -2.53 -18.73 26.69
CA LEU B 241 -2.58 -18.30 25.31
C LEU B 241 -4.01 -18.12 24.84
N MET B 242 -4.26 -17.02 24.12
CA MET B 242 -5.50 -16.90 23.39
C MET B 242 -5.19 -16.38 21.97
N SER B 243 -6.12 -16.59 21.04
CA SER B 243 -5.89 -16.20 19.66
C SER B 243 -7.12 -15.59 19.01
N THR B 244 -6.92 -15.06 17.82
CA THR B 244 -8.04 -14.71 16.94
C THR B 244 -8.55 -16.03 16.44
N TYR B 245 -9.81 -16.06 16.04
CA TYR B 245 -10.37 -17.28 15.46
C TYR B 245 -9.49 -17.82 14.29
N PRO B 246 -9.11 -16.98 13.30
CA PRO B 246 -8.26 -17.54 12.23
C PRO B 246 -6.92 -18.15 12.68
N ALA B 247 -6.39 -17.68 13.82
CA ALA B 247 -5.14 -18.20 14.40
C ALA B 247 -5.29 -19.53 15.17
N LYS B 248 -6.50 -20.06 15.26
CA LYS B 248 -6.71 -21.43 15.74
C LYS B 248 -5.88 -22.43 14.89
N GLY B 249 -5.18 -23.34 15.56
CA GLY B 249 -4.35 -24.30 14.85
C GLY B 249 -2.87 -23.97 14.86
N ILE B 250 -2.53 -22.71 15.07
CA ILE B 250 -1.11 -22.28 15.12
C ILE B 250 -0.40 -22.95 16.30
N VAL B 251 -1.09 -22.96 17.45
CA VAL B 251 -0.77 -23.83 18.58
C VAL B 251 -1.85 -24.91 18.63
N ALA B 252 -1.48 -26.16 18.86
CA ALA B 252 -2.47 -27.26 18.82
C ALA B 252 -3.58 -26.97 19.82
N ASP B 253 -4.82 -27.23 19.42
CA ASP B 253 -5.96 -27.07 20.32
C ASP B 253 -5.85 -27.89 21.62
N ARG B 254 -5.16 -29.04 21.55
CA ARG B 254 -4.86 -29.89 22.72
C ARG B 254 -4.13 -29.16 23.84
N TYR B 255 -3.32 -28.15 23.49
CA TYR B 255 -2.49 -27.47 24.48
C TYR B 255 -3.34 -27.01 25.69
N PRO B 256 -3.03 -27.52 26.91
CA PRO B 256 -3.90 -27.26 28.06
C PRO B 256 -4.08 -25.79 28.46
N ALA B 257 -3.18 -24.89 28.03
CA ALA B 257 -3.36 -23.45 28.35
C ALA B 257 -3.74 -22.59 27.14
N TYR B 258 -4.20 -23.26 26.08
CA TYR B 258 -4.88 -22.54 24.99
C TYR B 258 -6.34 -22.24 25.36
N LEU B 259 -6.68 -20.96 25.44
CA LEU B 259 -7.99 -20.55 25.91
C LEU B 259 -9.03 -20.48 24.80
N GLY B 260 -8.56 -20.34 23.57
CA GLY B 260 -9.47 -20.11 22.45
C GLY B 260 -9.46 -18.66 22.03
N SER B 261 -10.55 -18.23 21.41
CA SER B 261 -10.68 -16.91 20.86
C SER B 261 -11.78 -16.17 21.61
N ALA B 262 -11.81 -14.85 21.44
CA ALA B 262 -12.71 -13.96 22.16
C ALA B 262 -13.89 -13.51 21.27
N ASN B 263 -14.86 -12.84 21.91
CA ASN B 263 -16.06 -12.29 21.27
C ASN B 263 -17.14 -13.35 21.05
N ARG B 264 -17.48 -13.63 19.79
CA ARG B 264 -18.61 -14.51 19.47
C ARG B 264 -18.16 -15.83 18.82
N VAL B 265 -17.27 -15.78 17.82
CA VAL B 265 -16.64 -17.04 17.32
C VAL B 265 -15.52 -17.23 18.32
N ALA B 266 -15.91 -17.80 19.47
CA ALA B 266 -15.22 -17.57 20.70
C ALA B 266 -15.38 -18.75 21.62
N GLN B 267 -14.51 -18.80 22.61
CA GLN B 267 -14.57 -19.85 23.63
C GLN B 267 -14.62 -19.18 25.01
N LYS B 268 -15.44 -19.72 25.91
CA LYS B 268 -15.63 -19.18 27.25
C LYS B 268 -14.35 -18.77 27.98
N PRO B 269 -13.32 -19.66 28.04
CA PRO B 269 -12.17 -19.24 28.84
C PRO B 269 -11.42 -17.98 28.36
N ALA B 270 -11.42 -17.72 27.05
CA ALA B 270 -10.68 -16.60 26.48
C ALA B 270 -11.37 -15.31 26.84
N ASN B 271 -12.70 -15.29 26.74
CA ASN B 271 -13.49 -14.09 27.08
C ASN B 271 -13.34 -13.76 28.56
N GLU B 272 -13.44 -14.80 29.38
CA GLU B 272 -13.33 -14.63 30.84
C GLU B 272 -11.96 -14.14 31.24
N ALA B 273 -10.92 -14.79 30.73
CA ALA B 273 -9.55 -14.41 31.07
C ALA B 273 -9.21 -12.99 30.60
N LEU B 274 -9.59 -12.66 29.36
CA LEU B 274 -9.33 -11.32 28.80
C LEU B 274 -9.88 -10.21 29.69
N ALA B 275 -11.06 -10.46 30.25
CA ALA B 275 -11.72 -9.50 31.14
C ALA B 275 -10.93 -9.26 32.43
N GLN B 276 -10.07 -10.23 32.80
CA GLN B 276 -9.30 -10.19 34.05
C GLN B 276 -7.83 -9.75 33.88
N ALA B 277 -7.30 -9.89 32.67
CA ALA B 277 -5.89 -9.66 32.42
C ALA B 277 -5.40 -8.25 32.76
N ASP B 278 -4.23 -8.16 33.39
CA ASP B 278 -3.64 -6.85 33.62
C ASP B 278 -2.67 -6.44 32.50
N VAL B 279 -2.04 -7.43 31.86
CA VAL B 279 -1.11 -7.19 30.75
C VAL B 279 -1.42 -8.12 29.57
N VAL B 280 -1.55 -7.52 28.40
CA VAL B 280 -1.76 -8.28 27.16
C VAL B 280 -0.61 -8.02 26.20
N LEU B 281 0.06 -9.10 25.79
CA LEU B 281 0.97 -9.09 24.65
C LEU B 281 0.18 -9.42 23.37
N PHE B 282 -0.02 -8.38 22.55
CA PHE B 282 -0.88 -8.44 21.34
C PHE B 282 0.04 -8.59 20.12
N VAL B 283 0.08 -9.80 19.54
CA VAL B 283 1.12 -10.11 18.52
C VAL B 283 0.55 -10.60 17.18
N GLY B 284 0.96 -9.92 16.09
CA GLY B 284 0.48 -10.30 14.76
C GLY B 284 -1.03 -10.38 14.71
N ASN B 285 -1.68 -9.36 15.27
CA ASN B 285 -3.10 -9.42 15.62
C ASN B 285 -3.78 -8.15 15.13
N ASN B 286 -4.88 -8.28 14.38
CA ASN B 286 -5.69 -7.09 14.01
C ASN B 286 -7.18 -7.29 14.31
N TYR B 287 -7.44 -7.99 15.42
CA TYR B 287 -8.78 -8.26 15.99
C TYR B 287 -9.78 -7.11 15.77
N PRO B 288 -10.82 -7.32 14.94
CA PRO B 288 -11.66 -6.17 14.56
C PRO B 288 -12.70 -5.77 15.63
N PHE B 289 -12.85 -6.58 16.67
CA PHE B 289 -13.82 -6.27 17.71
C PHE B 289 -13.18 -5.50 18.89
N ALA B 290 -11.89 -5.17 18.80
CA ALA B 290 -11.14 -4.59 19.95
C ALA B 290 -11.88 -3.40 20.57
N GLU B 291 -12.06 -2.35 19.76
CA GLU B 291 -12.71 -1.12 20.19
C GLU B 291 -14.22 -1.29 20.45
N VAL B 292 -14.95 -1.87 19.47
CA VAL B 292 -16.43 -1.94 19.60
C VAL B 292 -16.87 -2.77 20.81
N SER B 293 -16.10 -3.80 21.15
CA SER B 293 -16.44 -4.65 22.30
C SER B 293 -15.73 -4.20 23.59
N LYS B 294 -14.96 -3.13 23.50
CA LYS B 294 -14.17 -2.64 24.66
C LYS B 294 -13.37 -3.78 25.32
N ALA B 295 -12.72 -4.61 24.50
CA ALA B 295 -12.03 -5.81 24.97
C ALA B 295 -10.92 -5.53 25.96
N PHE B 296 -10.26 -4.38 25.83
CA PHE B 296 -9.09 -4.05 26.65
C PHE B 296 -9.32 -2.92 27.64
N LYS B 297 -10.57 -2.67 27.95
CA LYS B 297 -10.93 -1.59 28.86
C LYS B 297 -10.36 -1.71 30.29
N ASN B 298 -10.13 -2.94 30.78
CA ASN B 298 -9.58 -3.14 32.15
C ASN B 298 -8.08 -3.49 32.06
N THR B 299 -7.52 -3.49 30.86
CA THR B 299 -6.11 -3.84 30.69
C THR B 299 -5.23 -2.69 31.18
N ARG B 300 -4.21 -3.03 31.98
CA ARG B 300 -3.29 -2.03 32.48
C ARG B 300 -2.20 -1.70 31.44
N TYR B 301 -1.51 -2.73 30.93
CA TYR B 301 -0.44 -2.53 29.95
C TYR B 301 -0.70 -3.33 28.69
N PHE B 302 -0.56 -2.67 27.55
CA PHE B 302 -0.84 -3.25 26.27
C PHE B 302 0.46 -3.17 25.50
N LEU B 303 0.97 -4.35 25.17
CA LEU B 303 2.25 -4.52 24.47
C LEU B 303 1.95 -5.08 23.09
N GLN B 304 2.69 -4.64 22.06
CA GLN B 304 2.34 -5.05 20.70
C GLN B 304 3.58 -5.41 19.90
N ILE B 305 3.47 -6.48 19.12
CA ILE B 305 4.45 -6.86 18.11
C ILE B 305 3.73 -6.98 16.76
N ASP B 306 4.12 -6.13 15.80
CA ASP B 306 3.53 -6.21 14.48
C ASP B 306 4.56 -5.81 13.42
N ILE B 307 4.40 -6.36 12.23
CA ILE B 307 5.31 -6.11 11.11
C ILE B 307 4.91 -4.88 10.30
N ASP B 308 3.64 -4.48 10.45
CA ASP B 308 3.04 -3.38 9.71
C ASP B 308 2.92 -2.10 10.57
N PRO B 309 3.66 -1.03 10.19
CA PRO B 309 3.55 0.28 10.85
C PRO B 309 2.10 0.79 10.93
N ALA B 310 1.26 0.45 9.95
CA ALA B 310 -0.15 0.87 9.99
C ALA B 310 -0.92 0.33 11.20
N LYS B 311 -0.36 -0.70 11.85
CA LYS B 311 -1.10 -1.38 12.91
C LYS B 311 -0.67 -0.91 14.28
N LEU B 312 0.42 -0.14 14.33
CA LEU B 312 1.05 0.17 15.61
C LEU B 312 0.21 1.12 16.45
N GLY B 313 -0.28 0.60 17.59
CA GLY B 313 -1.25 1.32 18.43
C GLY B 313 -2.61 1.53 17.80
N LYS B 314 -2.93 0.72 16.79
CA LYS B 314 -4.21 0.83 16.11
C LYS B 314 -5.42 0.45 17.00
N ARG B 315 -5.33 -0.68 17.70
CA ARG B 315 -6.50 -1.30 18.34
C ARG B 315 -6.70 -0.86 19.79
N HIS B 316 -5.65 -0.32 20.39
CA HIS B 316 -5.66 0.13 21.79
C HIS B 316 -4.43 0.97 22.06
N LYS B 317 -4.52 1.91 23.01
CA LYS B 317 -3.35 2.69 23.39
C LYS B 317 -2.28 1.72 23.84
N THR B 318 -1.10 1.84 23.25
CA THR B 318 -0.06 0.83 23.36
C THR B 318 1.12 1.37 24.13
N ASP B 319 1.53 0.63 25.18
CA ASP B 319 2.64 1.06 26.00
C ASP B 319 3.95 0.85 25.30
N ILE B 320 4.14 -0.33 24.72
CA ILE B 320 5.32 -0.66 23.94
C ILE B 320 4.87 -1.36 22.68
N ALA B 321 5.22 -0.78 21.53
CA ALA B 321 4.90 -1.37 20.25
C ALA B 321 6.18 -1.59 19.48
N VAL B 322 6.54 -2.86 19.31
CA VAL B 322 7.73 -3.26 18.59
C VAL B 322 7.40 -3.57 17.12
N LEU B 323 8.00 -2.85 16.19
CA LEU B 323 7.86 -3.13 14.78
C LEU B 323 8.86 -4.22 14.37
N ALA B 324 8.34 -5.43 14.13
CA ALA B 324 9.18 -6.58 13.90
C ALA B 324 8.38 -7.80 13.52
N ASP B 325 9.10 -8.81 13.00
CA ASP B 325 8.56 -10.13 12.70
C ASP B 325 8.16 -10.82 14.02
N ALA B 326 6.97 -11.42 14.04
CA ALA B 326 6.48 -12.09 15.23
C ALA B 326 7.39 -13.21 15.74
N GLN B 327 7.76 -14.14 14.85
CA GLN B 327 8.61 -15.26 15.25
C GLN B 327 9.96 -14.84 15.79
N LYS B 328 10.67 -13.94 15.09
CA LYS B 328 11.99 -13.45 15.52
C LYS B 328 11.93 -12.82 16.92
N THR B 329 10.92 -11.99 17.15
CA THR B 329 10.74 -11.28 18.43
C THR B 329 10.35 -12.27 19.54
N LEU B 330 9.44 -13.19 19.25
CA LEU B 330 9.03 -14.15 20.27
C LEU B 330 10.18 -15.09 20.63
N ALA B 331 10.96 -15.50 19.62
CA ALA B 331 12.17 -16.27 19.87
C ALA B 331 13.17 -15.46 20.71
N ALA B 332 13.28 -14.16 20.44
CA ALA B 332 14.20 -13.29 21.19
C ALA B 332 13.75 -13.15 22.66
N ILE B 333 12.44 -13.04 22.91
CA ILE B 333 11.91 -13.07 24.28
C ILE B 333 12.25 -14.40 24.97
N LEU B 334 11.98 -15.50 24.29
CA LEU B 334 12.22 -16.83 24.80
C LEU B 334 13.68 -17.04 25.22
N ALA B 335 14.60 -16.46 24.45
CA ALA B 335 16.04 -16.53 24.69
C ALA B 335 16.51 -15.77 25.93
N GLN B 336 15.72 -14.82 26.42
CA GLN B 336 16.12 -14.09 27.60
C GLN B 336 15.34 -14.42 28.89
N VAL B 337 14.47 -15.42 28.83
CA VAL B 337 13.66 -15.80 30.00
C VAL B 337 13.99 -17.24 30.42
N SER B 338 13.54 -17.62 31.61
CA SER B 338 13.62 -19.01 32.03
C SER B 338 12.42 -19.35 32.90
N GLU B 339 12.35 -20.62 33.32
CA GLU B 339 11.26 -21.16 34.12
C GLU B 339 10.73 -20.28 35.24
N ARG B 340 9.41 -20.16 35.30
CA ARG B 340 8.70 -19.56 36.46
C ARG B 340 7.82 -20.64 37.00
N GLU B 341 7.71 -20.71 38.33
CA GLU B 341 6.81 -21.66 38.94
C GLU B 341 5.36 -21.30 38.62
N SER B 342 4.53 -22.33 38.56
CA SER B 342 3.08 -22.24 38.46
C SER B 342 2.53 -21.19 39.41
N THR B 343 1.61 -20.37 38.91
CA THR B 343 0.98 -19.31 39.69
C THR B 343 -0.53 -19.63 39.84
N PRO B 344 -1.21 -18.99 40.81
CA PRO B 344 -2.67 -19.15 40.92
C PRO B 344 -3.41 -18.78 39.63
N TRP B 345 -2.95 -17.71 38.94
CA TRP B 345 -3.52 -17.26 37.65
C TRP B 345 -3.45 -18.37 36.61
N TRP B 346 -2.29 -19.02 36.52
CA TRP B 346 -2.05 -20.16 35.62
C TRP B 346 -2.97 -21.34 35.95
N GLN B 347 -3.00 -21.75 37.23
CA GLN B 347 -3.84 -22.86 37.66
C GLN B 347 -5.33 -22.58 37.47
N ALA B 348 -5.78 -21.37 37.82
CA ALA B 348 -7.17 -20.99 37.59
C ALA B 348 -7.58 -21.14 36.09
N ASN B 349 -6.76 -20.60 35.19
CA ASN B 349 -6.98 -20.77 33.75
C ASN B 349 -6.96 -22.23 33.27
N LEU B 350 -6.01 -23.04 33.72
CA LEU B 350 -5.96 -24.46 33.35
C LEU B 350 -7.24 -25.19 33.75
N ALA B 351 -7.71 -24.91 34.96
CA ALA B 351 -8.90 -25.51 35.51
C ALA B 351 -10.10 -25.03 34.72
N ASN B 352 -10.13 -23.75 34.38
CA ASN B 352 -11.22 -23.19 33.56
C ASN B 352 -11.29 -23.83 32.19
N VAL B 353 -10.15 -24.01 31.54
CA VAL B 353 -10.07 -24.73 30.28
C VAL B 353 -10.58 -26.16 30.38
N LYS B 354 -10.10 -26.89 31.38
CA LYS B 354 -10.57 -28.26 31.66
C LYS B 354 -12.11 -28.39 31.73
N ASN B 355 -12.71 -27.47 32.49
CA ASN B 355 -14.15 -27.44 32.71
C ASN B 355 -14.92 -27.21 31.38
N TRP B 356 -14.34 -26.33 30.56
CA TRP B 356 -14.89 -25.96 29.27
C TRP B 356 -14.81 -27.09 28.28
N ARG B 357 -13.66 -27.77 28.25
CA ARG B 357 -13.49 -28.91 27.35
C ARG B 357 -14.38 -30.09 27.71
N ALA B 358 -14.65 -30.29 29.01
CA ALA B 358 -15.56 -31.35 29.44
C ALA B 358 -16.97 -31.02 28.94
N TYR B 359 -17.36 -29.76 29.02
CA TYR B 359 -18.65 -29.30 28.49
C TYR B 359 -18.75 -29.60 26.99
N LEU B 360 -17.73 -29.26 26.22
CA LEU B 360 -17.74 -29.52 24.79
C LEU B 360 -17.77 -31.02 24.49
N ALA B 361 -17.00 -31.80 25.26
CA ALA B 361 -16.98 -33.26 25.15
C ALA B 361 -18.33 -33.88 25.44
N SER B 362 -19.03 -33.38 26.44
CA SER B 362 -20.39 -33.88 26.76
C SER B 362 -21.39 -33.66 25.60
N LEU B 363 -21.28 -32.56 24.88
CA LEU B 363 -22.07 -32.34 23.66
C LEU B 363 -21.72 -33.32 22.52
N GLU B 364 -20.42 -33.48 22.24
CA GLU B 364 -19.92 -34.41 21.22
C GLU B 364 -20.26 -35.87 21.46
N ASP B 365 -20.27 -36.30 22.74
CA ASP B 365 -20.29 -37.73 23.12
C ASP B 365 -21.68 -38.34 23.28
N LYS B 366 -22.72 -37.55 23.02
CA LYS B 366 -24.06 -38.08 22.89
C LYS B 366 -24.06 -39.14 21.79
N GLN B 367 -24.79 -40.24 22.00
CA GLN B 367 -24.62 -41.45 21.14
C GLN B 367 -25.86 -41.76 20.30
N GLU B 368 -26.97 -41.15 20.70
CA GLU B 368 -28.29 -41.49 20.18
C GLU B 368 -29.17 -40.25 20.28
N GLY B 369 -30.09 -40.10 19.33
CA GLY B 369 -31.08 -39.03 19.40
C GLY B 369 -31.03 -37.98 18.30
N PRO B 370 -31.77 -36.85 18.48
CA PRO B 370 -31.82 -35.74 17.51
C PRO B 370 -30.44 -35.13 17.26
N LEU B 371 -30.04 -35.13 16.00
CA LEU B 371 -28.73 -34.71 15.58
C LEU B 371 -28.48 -33.20 15.83
N GLN B 372 -27.36 -32.91 16.48
CA GLN B 372 -26.92 -31.54 16.67
C GLN B 372 -25.64 -31.32 15.91
N ALA B 373 -25.28 -30.06 15.70
CA ALA B 373 -24.01 -29.72 15.04
C ALA B 373 -22.81 -30.33 15.80
N TYR B 374 -22.90 -30.41 17.11
CA TYR B 374 -21.77 -30.86 17.94
C TYR B 374 -21.28 -32.26 17.60
N GLN B 375 -22.21 -33.18 17.37
CA GLN B 375 -21.86 -34.58 17.09
C GLN B 375 -21.38 -34.71 15.66
N VAL B 376 -21.95 -33.88 14.78
CA VAL B 376 -21.48 -33.82 13.41
C VAL B 376 -19.99 -33.46 13.39
N LEU B 377 -19.59 -32.47 14.16
CA LEU B 377 -18.19 -32.07 14.19
C LEU B 377 -17.28 -33.12 14.84
N ARG B 378 -17.78 -33.79 15.88
CA ARG B 378 -17.07 -34.96 16.44
C ARG B 378 -16.88 -36.02 15.33
N ALA B 379 -17.91 -36.28 14.52
CA ALA B 379 -17.78 -37.27 13.41
C ALA B 379 -16.73 -36.84 12.36
N VAL B 380 -16.63 -35.53 12.10
CA VAL B 380 -15.58 -35.00 11.24
C VAL B 380 -14.23 -35.33 11.87
N ASN B 381 -14.09 -35.02 13.17
CA ASN B 381 -12.84 -35.27 13.91
C ASN B 381 -12.41 -36.73 13.79
N LYS B 382 -13.38 -37.63 13.88
CA LYS B 382 -13.07 -39.07 13.86
C LYS B 382 -12.53 -39.55 12.52
N ILE B 383 -12.90 -38.92 11.41
CA ILE B 383 -12.39 -39.35 10.11
C ILE B 383 -11.30 -38.45 9.53
N ALA B 384 -10.89 -37.45 10.30
CA ALA B 384 -9.98 -36.44 9.76
C ALA B 384 -8.54 -36.92 9.78
N GLU B 385 -7.80 -36.70 8.69
CA GLU B 385 -6.36 -37.00 8.69
C GLU B 385 -5.61 -35.87 9.42
N PRO B 386 -4.43 -36.17 10.03
CA PRO B 386 -3.72 -35.14 10.82
C PRO B 386 -3.32 -33.89 10.03
N ASP B 387 -3.21 -33.98 8.72
CA ASP B 387 -2.92 -32.80 7.91
C ASP B 387 -4.11 -32.31 7.03
N ALA B 388 -5.34 -32.66 7.39
CA ALA B 388 -6.52 -32.19 6.66
C ALA B 388 -6.60 -30.66 6.61
N ILE B 389 -7.21 -30.17 5.52
CA ILE B 389 -7.48 -28.79 5.29
C ILE B 389 -9.00 -28.59 5.33
N TYR B 390 -9.41 -27.53 6.01
CA TYR B 390 -10.83 -27.26 6.16
C TYR B 390 -11.13 -25.93 5.50
N SER B 391 -12.00 -25.98 4.52
CA SER B 391 -12.60 -24.77 3.95
C SER B 391 -13.94 -24.58 4.64
N ILE B 392 -14.10 -23.44 5.30
CA ILE B 392 -15.24 -23.24 6.18
C ILE B 392 -16.08 -22.06 5.66
N ASP B 393 -17.40 -22.26 5.58
CA ASP B 393 -18.30 -21.22 5.14
C ASP B 393 -18.55 -20.21 6.30
N VAL B 394 -19.62 -19.42 6.24
CA VAL B 394 -19.85 -18.31 7.14
C VAL B 394 -21.21 -18.49 7.84
N GLY B 395 -21.19 -18.48 9.17
CA GLY B 395 -22.40 -18.59 10.00
C GLY B 395 -22.08 -19.37 11.26
N ASP B 396 -23.07 -20.08 11.83
CA ASP B 396 -22.82 -20.86 13.07
C ASP B 396 -21.63 -21.82 12.89
N ILE B 397 -21.40 -22.32 11.68
CA ILE B 397 -20.26 -23.21 11.44
C ILE B 397 -18.90 -22.64 11.94
N ASN B 398 -18.68 -21.33 11.78
CA ASN B 398 -17.44 -20.75 12.30
C ASN B 398 -17.33 -20.93 13.81
N LEU B 399 -18.44 -20.71 14.51
CA LEU B 399 -18.45 -20.85 15.97
C LEU B 399 -18.26 -22.33 16.35
N ASN B 400 -19.03 -23.21 15.71
CA ASN B 400 -18.97 -24.65 16.01
C ASN B 400 -17.63 -25.28 15.64
N ALA B 401 -17.13 -24.99 14.44
CA ALA B 401 -15.81 -25.49 14.03
C ALA B 401 -14.71 -24.95 14.96
N ASN B 402 -14.81 -23.70 15.37
CA ASN B 402 -13.81 -23.09 16.25
C ASN B 402 -13.74 -23.85 17.59
N ARG B 403 -14.90 -24.25 18.11
CA ARG B 403 -14.92 -24.99 19.38
C ARG B 403 -14.56 -26.46 19.25
N HIS B 404 -15.00 -27.10 18.17
CA HIS B 404 -14.95 -28.57 18.08
C HIS B 404 -13.80 -29.18 17.31
N LEU B 405 -13.37 -28.53 16.22
CA LEU B 405 -12.26 -29.10 15.44
C LEU B 405 -10.99 -29.16 16.31
N LYS B 406 -10.26 -30.26 16.16
CA LYS B 406 -9.08 -30.54 16.94
C LYS B 406 -7.85 -30.38 16.06
N LEU B 407 -7.37 -29.14 15.98
CA LEU B 407 -6.41 -28.76 14.95
C LEU B 407 -5.02 -28.71 15.54
N THR B 408 -4.03 -28.91 14.70
CA THR B 408 -2.64 -28.82 15.13
C THR B 408 -1.94 -27.99 14.06
N PRO B 409 -0.64 -27.66 14.28
CA PRO B 409 0.17 -27.03 13.20
C PRO B 409 0.16 -27.72 11.80
N SER B 410 -0.14 -29.02 11.71
CA SER B 410 -0.20 -29.73 10.41
C SER B 410 -1.44 -29.42 9.57
N ASN B 411 -2.48 -28.90 10.21
CA ASN B 411 -3.72 -28.52 9.53
C ASN B 411 -3.65 -27.14 8.91
N ARG B 412 -4.53 -26.91 7.93
CA ARG B 412 -4.96 -25.58 7.53
C ARG B 412 -6.49 -25.42 7.59
N HIS B 413 -6.93 -24.22 7.96
CA HIS B 413 -8.35 -23.83 7.85
C HIS B 413 -8.46 -22.41 7.32
N ILE B 414 -9.41 -22.23 6.41
CA ILE B 414 -9.66 -20.92 5.79
C ILE B 414 -11.14 -20.62 5.78
N THR B 415 -11.47 -19.35 5.89
CA THR B 415 -12.80 -18.88 5.63
C THR B 415 -12.64 -17.46 5.06
N SER B 416 -13.76 -16.77 4.85
CA SER B 416 -13.77 -15.34 4.57
C SER B 416 -13.73 -14.62 5.91
N ASN B 417 -12.51 -14.23 6.35
CA ASN B 417 -12.28 -13.78 7.76
C ASN B 417 -12.99 -12.49 8.14
N LEU B 418 -12.98 -11.49 7.25
CA LEU B 418 -13.37 -10.12 7.59
C LEU B 418 -14.55 -9.60 6.75
N PHE B 419 -14.48 -9.81 5.44
CA PHE B 419 -15.62 -9.55 4.55
C PHE B 419 -16.73 -10.55 4.86
N ALA B 420 -16.34 -11.76 5.28
CA ALA B 420 -17.28 -12.82 5.74
C ALA B 420 -18.43 -13.09 4.75
N THR B 421 -18.06 -13.31 3.49
CA THR B 421 -19.07 -13.64 2.47
C THR B 421 -19.43 -15.11 2.59
N MET B 422 -20.73 -15.38 2.71
CA MET B 422 -21.26 -16.74 2.69
C MET B 422 -20.99 -17.33 1.31
N GLY B 423 -20.88 -18.65 1.23
CA GLY B 423 -20.66 -19.30 -0.05
C GLY B 423 -19.21 -19.73 -0.32
N VAL B 424 -18.27 -19.32 0.55
CA VAL B 424 -16.84 -19.64 0.35
C VAL B 424 -16.46 -21.10 0.59
N GLY B 425 -17.32 -21.86 1.28
CA GLY B 425 -16.97 -23.24 1.62
C GLY B 425 -16.61 -24.09 0.39
N ILE B 426 -17.51 -24.15 -0.58
CA ILE B 426 -17.30 -24.87 -1.85
C ILE B 426 -16.04 -24.48 -2.67
N PRO B 427 -15.86 -23.18 -3.04
CA PRO B 427 -14.63 -22.74 -3.72
C PRO B 427 -13.32 -22.86 -2.92
N GLY B 428 -13.37 -22.61 -1.61
CA GLY B 428 -12.19 -22.80 -0.80
C GLY B 428 -11.67 -24.24 -0.89
N ALA B 429 -12.60 -25.20 -0.89
CA ALA B 429 -12.28 -26.63 -0.91
C ALA B 429 -11.78 -27.05 -2.28
N ILE B 430 -12.36 -26.46 -3.33
CA ILE B 430 -11.91 -26.67 -4.69
C ILE B 430 -10.44 -26.25 -4.81
N ALA B 431 -10.13 -25.02 -4.36
CA ALA B 431 -8.78 -24.49 -4.41
C ALA B 431 -7.83 -25.35 -3.58
N ALA B 432 -8.27 -25.76 -2.39
CA ALA B 432 -7.43 -26.60 -1.50
C ALA B 432 -7.04 -27.95 -2.17
N LYS B 433 -8.00 -28.56 -2.84
CA LYS B 433 -7.75 -29.87 -3.45
C LYS B 433 -6.88 -29.70 -4.69
N LEU B 434 -7.05 -28.59 -5.39
CA LEU B 434 -6.20 -28.31 -6.57
C LEU B 434 -4.75 -28.06 -6.16
N ASN B 435 -4.54 -27.35 -5.05
CA ASN B 435 -3.17 -27.14 -4.55
C ASN B 435 -2.57 -28.36 -3.86
N TYR B 436 -3.41 -29.14 -3.21
CA TYR B 436 -2.94 -30.26 -2.42
C TYR B 436 -3.71 -31.56 -2.73
N PRO B 437 -3.48 -32.10 -3.95
CA PRO B 437 -4.20 -33.30 -4.39
C PRO B 437 -4.12 -34.50 -3.39
N GLU B 438 -3.04 -34.57 -2.62
CA GLU B 438 -2.81 -35.69 -1.69
C GLU B 438 -3.30 -35.46 -0.27
N ARG B 439 -3.81 -34.27 0.03
CA ARG B 439 -4.30 -33.98 1.37
C ARG B 439 -5.83 -34.05 1.41
N GLN B 440 -6.35 -34.61 2.50
CA GLN B 440 -7.78 -34.62 2.74
C GLN B 440 -8.31 -33.19 2.90
N VAL B 441 -9.43 -32.93 2.21
CA VAL B 441 -10.06 -31.59 2.19
C VAL B 441 -11.54 -31.68 2.59
N PHE B 442 -11.94 -30.88 3.59
CA PHE B 442 -13.35 -30.74 3.96
C PHE B 442 -13.90 -29.40 3.49
N ASN B 443 -15.20 -29.39 3.17
CA ASN B 443 -15.94 -28.15 3.07
C ASN B 443 -17.02 -28.26 4.15
N LEU B 444 -16.95 -27.38 5.15
CA LEU B 444 -17.95 -27.37 6.23
C LEU B 444 -18.79 -26.12 6.00
N ALA B 445 -20.07 -26.30 5.67
CA ALA B 445 -20.92 -25.18 5.30
C ALA B 445 -22.30 -25.30 5.93
N GLY B 446 -22.88 -24.16 6.32
CA GLY B 446 -24.30 -24.12 6.66
C GLY B 446 -25.14 -24.23 5.40
N ASP B 447 -26.42 -24.58 5.55
CA ASP B 447 -27.32 -24.69 4.41
C ASP B 447 -27.51 -23.39 3.62
N GLY B 448 -27.59 -22.25 4.31
CA GLY B 448 -27.66 -20.97 3.62
C GLY B 448 -26.46 -20.70 2.72
N GLY B 449 -25.24 -20.94 3.23
CA GLY B 449 -24.02 -20.62 2.46
C GLY B 449 -23.76 -21.62 1.35
N ALA B 450 -24.02 -22.90 1.65
CA ALA B 450 -23.91 -23.96 0.65
C ALA B 450 -24.89 -23.72 -0.50
N SER B 451 -26.11 -23.29 -0.20
CA SER B 451 -27.07 -23.04 -1.27
C SER B 451 -26.64 -21.88 -2.21
N MET B 452 -25.89 -20.90 -1.69
CA MET B 452 -25.42 -19.80 -2.54
C MET B 452 -24.48 -20.18 -3.66
N THR B 453 -23.64 -21.19 -3.42
CA THR B 453 -22.64 -21.68 -4.37
C THR B 453 -22.84 -23.17 -4.75
N MET B 454 -24.03 -23.72 -4.49
CA MET B 454 -24.29 -25.16 -4.69
C MET B 454 -23.97 -25.65 -6.13
N GLN B 455 -24.21 -24.81 -7.12
CA GLN B 455 -24.00 -25.23 -8.52
C GLN B 455 -22.56 -25.69 -8.71
N ASP B 456 -21.63 -25.16 -7.91
CA ASP B 456 -20.22 -25.51 -8.13
C ASP B 456 -19.77 -26.80 -7.45
N LEU B 457 -20.71 -27.52 -6.85
CA LEU B 457 -20.48 -28.91 -6.48
C LEU B 457 -20.20 -29.69 -7.78
N ALA B 458 -20.82 -29.26 -8.87
CA ALA B 458 -20.57 -29.83 -10.18
C ALA B 458 -19.10 -29.68 -10.65
N THR B 459 -18.44 -28.61 -10.21
CA THR B 459 -17.04 -28.34 -10.54
C THR B 459 -16.12 -29.35 -9.87
N GLN B 460 -16.43 -29.72 -8.61
CA GLN B 460 -15.71 -30.78 -7.90
C GLN B 460 -15.80 -32.13 -8.64
N VAL B 461 -17.01 -32.47 -9.12
CA VAL B 461 -17.26 -33.65 -9.95
C VAL B 461 -16.47 -33.59 -11.27
N GLN B 462 -16.60 -32.48 -12.01
CA GLN B 462 -16.00 -32.36 -13.32
C GLN B 462 -14.49 -32.52 -13.29
N TYR B 463 -13.87 -32.02 -12.22
CA TYR B 463 -12.42 -32.02 -12.11
C TYR B 463 -11.92 -33.08 -11.15
N HIS B 464 -12.82 -33.93 -10.69
CA HIS B 464 -12.48 -35.09 -9.85
C HIS B 464 -11.72 -34.70 -8.56
N LEU B 465 -12.24 -33.67 -7.89
CA LEU B 465 -11.68 -33.14 -6.66
C LEU B 465 -12.42 -33.77 -5.46
N PRO B 466 -11.79 -34.77 -4.83
CA PRO B 466 -12.42 -35.56 -3.75
C PRO B 466 -12.60 -34.80 -2.41
N VAL B 467 -13.33 -33.70 -2.46
CA VAL B 467 -13.74 -32.96 -1.29
C VAL B 467 -14.79 -33.74 -0.47
N ILE B 468 -14.68 -33.66 0.86
CA ILE B 468 -15.76 -34.10 1.74
C ILE B 468 -16.59 -32.87 2.11
N ASN B 469 -17.78 -32.76 1.51
CA ASN B 469 -18.71 -31.66 1.78
C ASN B 469 -19.62 -32.06 2.92
N VAL B 470 -19.69 -31.23 3.95
CA VAL B 470 -20.61 -31.48 5.06
C VAL B 470 -21.47 -30.25 5.18
N VAL B 471 -22.78 -30.41 4.91
CA VAL B 471 -23.74 -29.31 4.96
C VAL B 471 -24.52 -29.45 6.26
N PHE B 472 -24.61 -28.36 7.02
CA PHE B 472 -25.36 -28.32 8.26
C PHE B 472 -26.73 -27.70 7.97
N THR B 473 -27.73 -28.56 7.82
CA THR B 473 -29.09 -28.16 7.48
C THR B 473 -29.94 -27.94 8.72
N ASN B 474 -30.04 -26.68 9.14
CA ASN B 474 -30.98 -26.29 10.21
C ASN B 474 -32.25 -25.59 9.67
N CYS B 475 -32.33 -25.44 8.33
CA CYS B 475 -33.41 -24.65 7.69
C CYS B 475 -33.51 -23.24 8.26
N GLN B 476 -32.37 -22.64 8.58
CA GLN B 476 -32.34 -21.29 9.15
C GLN B 476 -31.08 -20.58 8.67
N TYR B 477 -31.09 -19.26 8.70
CA TYR B 477 -29.87 -18.47 8.83
C TYR B 477 -29.69 -18.40 10.34
N GLY B 478 -29.13 -19.45 10.91
CA GLY B 478 -28.96 -19.57 12.34
C GLY B 478 -28.26 -18.40 12.99
N TRP B 479 -27.13 -17.98 12.41
CA TRP B 479 -26.33 -16.85 12.90
C TRP B 479 -27.20 -15.62 13.07
N ILE B 480 -28.06 -15.38 12.08
CA ILE B 480 -28.86 -14.14 12.05
C ILE B 480 -30.12 -14.26 12.90
N LYS B 481 -30.72 -15.46 12.96
CA LYS B 481 -31.89 -15.70 13.85
C LYS B 481 -31.53 -15.34 15.30
N ASP B 482 -30.34 -15.75 15.72
CA ASP B 482 -29.89 -15.51 17.09
C ASP B 482 -29.62 -14.05 17.35
N GLU B 483 -29.09 -13.34 16.34
CA GLU B 483 -29.00 -11.88 16.40
C GLU B 483 -30.37 -11.20 16.54
N GLN B 484 -31.34 -11.62 15.74
CA GLN B 484 -32.69 -11.09 15.82
C GLN B 484 -33.31 -11.33 17.21
N GLU B 485 -33.08 -12.52 17.76
CA GLU B 485 -33.50 -12.84 19.13
C GLU B 485 -32.93 -11.86 20.14
N ASP B 486 -31.65 -11.48 19.98
CA ASP B 486 -30.99 -10.51 20.86
C ASP B 486 -31.45 -9.06 20.68
N THR B 487 -31.69 -8.62 19.44
CA THR B 487 -31.92 -7.20 19.19
C THR B 487 -33.36 -6.81 18.82
N ASN B 488 -34.06 -7.70 18.12
CA ASN B 488 -35.31 -7.32 17.44
C ASN B 488 -36.55 -7.32 18.34
N GLN B 489 -37.41 -6.33 18.19
CA GLN B 489 -38.63 -6.26 19.01
C GLN B 489 -39.72 -7.19 18.47
N ASN B 490 -39.79 -7.30 17.14
CA ASN B 490 -40.89 -8.00 16.45
C ASN B 490 -40.48 -9.43 16.10
N ASP B 491 -41.35 -10.21 15.48
CA ASP B 491 -41.06 -11.64 15.22
C ASP B 491 -39.85 -11.85 14.31
N PHE B 492 -39.24 -13.03 14.41
CA PHE B 492 -38.28 -13.50 13.43
C PHE B 492 -38.74 -13.24 12.00
N ILE B 493 -37.83 -12.79 11.16
CA ILE B 493 -38.16 -12.55 9.74
C ILE B 493 -36.96 -12.89 8.82
N GLY B 494 -37.22 -13.71 7.79
CA GLY B 494 -36.18 -13.99 6.80
C GLY B 494 -35.11 -14.96 7.25
N VAL B 495 -35.27 -15.60 8.40
CA VAL B 495 -34.21 -16.44 9.00
C VAL B 495 -34.59 -17.92 9.15
N GLU B 496 -35.88 -18.21 8.97
CA GLU B 496 -36.33 -19.60 8.90
C GLU B 496 -36.97 -19.84 7.53
N PHE B 497 -36.60 -20.94 6.91
CA PHE B 497 -36.99 -21.15 5.53
C PHE B 497 -37.18 -22.64 5.22
N ASN B 498 -37.61 -22.92 3.99
CA ASN B 498 -37.87 -24.29 3.55
C ASN B 498 -36.60 -25.14 3.38
N ASP B 499 -36.75 -26.44 3.65
CA ASP B 499 -35.70 -27.43 3.45
C ASP B 499 -35.20 -27.49 2.00
N ILE B 500 -33.90 -27.63 1.86
CA ILE B 500 -33.31 -28.14 0.61
C ILE B 500 -32.60 -29.44 0.97
N ASP B 501 -32.85 -30.50 0.20
CA ASP B 501 -32.17 -31.77 0.43
C ASP B 501 -30.90 -31.82 -0.39
N PHE B 502 -29.76 -31.55 0.25
CA PHE B 502 -28.48 -31.51 -0.46
C PHE B 502 -27.97 -32.86 -0.97
N SER B 503 -28.46 -33.97 -0.41
CA SER B 503 -28.09 -35.28 -0.97
C SER B 503 -28.72 -35.41 -2.36
N LYS B 504 -29.89 -34.80 -2.55
CA LYS B 504 -30.57 -34.76 -3.87
C LYS B 504 -29.91 -33.74 -4.81
N ILE B 505 -29.52 -32.56 -4.28
CA ILE B 505 -28.66 -31.64 -5.05
C ILE B 505 -27.37 -32.34 -5.57
N ALA B 506 -26.66 -33.02 -4.66
CA ALA B 506 -25.45 -33.77 -5.00
C ALA B 506 -25.71 -34.80 -6.10
N ASP B 507 -26.75 -35.60 -5.94
CA ASP B 507 -27.18 -36.55 -6.96
C ASP B 507 -27.40 -35.86 -8.33
N GLY B 508 -28.03 -34.68 -8.33
CA GLY B 508 -28.25 -33.90 -9.55
C GLY B 508 -26.98 -33.47 -10.25
N VAL B 509 -25.89 -33.27 -9.50
CA VAL B 509 -24.59 -32.96 -10.11
C VAL B 509 -23.68 -34.23 -10.26
N HIS B 510 -24.23 -35.41 -9.92
CA HIS B 510 -23.56 -36.73 -10.11
C HIS B 510 -22.44 -36.91 -9.10
N MET B 511 -22.76 -36.51 -7.86
CA MET B 511 -21.89 -36.66 -6.71
C MET B 511 -22.56 -37.58 -5.69
N GLN B 512 -21.80 -38.55 -5.19
CA GLN B 512 -22.30 -39.45 -4.14
C GLN B 512 -22.61 -38.67 -2.86
N ALA B 513 -23.70 -39.04 -2.19
CA ALA B 513 -24.19 -38.27 -1.06
C ALA B 513 -25.00 -39.07 -0.06
N PHE B 514 -25.05 -38.54 1.16
CA PHE B 514 -25.89 -39.09 2.22
C PHE B 514 -26.64 -37.97 2.91
N ARG B 515 -27.79 -38.31 3.48
CA ARG B 515 -28.50 -37.41 4.34
C ARG B 515 -28.69 -38.11 5.67
N VAL B 516 -28.38 -37.41 6.77
CA VAL B 516 -28.60 -37.97 8.12
C VAL B 516 -29.34 -37.02 9.02
N ASN B 517 -30.15 -37.57 9.93
CA ASN B 517 -30.84 -36.75 10.96
C ASN B 517 -30.78 -37.25 12.42
N LYS B 518 -30.06 -38.36 12.64
CA LYS B 518 -29.93 -38.97 13.97
C LYS B 518 -28.46 -39.21 14.31
N ILE B 519 -28.09 -38.95 15.56
CA ILE B 519 -26.70 -39.14 16.03
C ILE B 519 -26.18 -40.53 15.68
N GLU B 520 -27.02 -41.54 15.84
CA GLU B 520 -26.55 -42.93 15.66
C GLU B 520 -26.21 -43.26 14.22
N GLN B 521 -26.61 -42.42 13.27
CA GLN B 521 -26.31 -42.63 11.85
C GLN B 521 -24.91 -42.20 11.45
N LEU B 522 -24.27 -41.40 12.31
CA LEU B 522 -23.00 -40.72 11.92
C LEU B 522 -21.83 -41.65 11.60
N PRO B 523 -21.54 -42.63 12.52
CA PRO B 523 -20.30 -43.41 12.33
C PRO B 523 -20.22 -44.10 10.94
N ASP B 524 -21.29 -44.74 10.50
CA ASP B 524 -21.23 -45.48 9.25
C ASP B 524 -21.21 -44.59 8.00
N VAL B 525 -22.00 -43.52 8.03
CA VAL B 525 -22.02 -42.53 6.95
C VAL B 525 -20.65 -41.85 6.79
N PHE B 526 -20.08 -41.37 7.87
CA PHE B 526 -18.75 -40.75 7.82
C PHE B 526 -17.63 -41.74 7.41
N GLU B 527 -17.72 -42.99 7.86
CA GLU B 527 -16.81 -44.03 7.33
C GLU B 527 -16.92 -44.26 5.80
N GLN B 528 -18.14 -44.34 5.29
CA GLN B 528 -18.35 -44.40 3.86
C GLN B 528 -17.78 -43.21 3.11
N ALA B 529 -17.99 -42.02 3.65
CA ALA B 529 -17.55 -40.78 3.01
C ALA B 529 -16.03 -40.70 2.98
N LYS B 530 -15.38 -41.05 4.09
CA LYS B 530 -13.91 -41.15 4.15
C LYS B 530 -13.40 -42.00 2.99
N ALA B 531 -14.01 -43.16 2.76
CA ALA B 531 -13.55 -44.10 1.73
C ALA B 531 -13.80 -43.54 0.33
N ILE B 532 -15.03 -43.04 0.10
CA ILE B 532 -15.38 -42.46 -1.19
C ILE B 532 -14.42 -41.36 -1.59
N ALA B 533 -14.09 -40.49 -0.62
CA ALA B 533 -13.18 -39.36 -0.85
C ALA B 533 -11.73 -39.78 -1.03
N GLN B 534 -11.45 -41.08 -1.07
CA GLN B 534 -10.15 -41.53 -1.59
C GLN B 534 -10.04 -41.28 -3.11
N HIS B 535 -11.17 -41.16 -3.83
CA HIS B 535 -11.16 -41.01 -5.32
C HIS B 535 -12.14 -39.99 -5.91
N GLU B 536 -13.18 -39.65 -5.17
CA GLU B 536 -14.26 -38.81 -5.72
C GLU B 536 -14.86 -37.93 -4.62
N PRO B 537 -15.45 -36.75 -5.00
CA PRO B 537 -16.09 -35.92 -3.97
C PRO B 537 -17.32 -36.61 -3.36
N VAL B 538 -17.67 -36.22 -2.14
CA VAL B 538 -18.83 -36.81 -1.47
C VAL B 538 -19.53 -35.71 -0.66
N LEU B 539 -20.83 -35.85 -0.46
CA LEU B 539 -21.52 -34.89 0.36
C LEU B 539 -22.37 -35.57 1.46
N ILE B 540 -22.32 -35.01 2.66
CA ILE B 540 -23.16 -35.43 3.77
C ILE B 540 -24.04 -34.25 4.15
N ASP B 541 -25.35 -34.43 4.03
CA ASP B 541 -26.31 -33.40 4.44
C ASP B 541 -26.77 -33.77 5.86
N ALA B 542 -26.28 -33.04 6.85
CA ALA B 542 -26.66 -33.28 8.24
C ALA B 542 -27.85 -32.40 8.69
N VAL B 543 -29.02 -33.01 8.83
CA VAL B 543 -30.21 -32.30 9.31
C VAL B 543 -30.04 -32.11 10.82
N ILE B 544 -29.76 -30.87 11.24
CA ILE B 544 -29.45 -30.64 12.65
C ILE B 544 -30.60 -29.90 13.33
N THR B 545 -30.60 -29.85 14.66
CA THR B 545 -31.61 -29.13 15.42
C THR B 545 -31.43 -27.61 15.31
N GLY B 546 -32.45 -26.88 15.76
CA GLY B 546 -32.35 -25.44 15.89
C GLY B 546 -31.88 -24.92 17.25
N ASP B 547 -31.22 -25.75 18.05
CA ASP B 547 -30.59 -25.30 19.31
C ASP B 547 -29.59 -24.14 19.10
N ARG B 548 -29.72 -23.08 19.87
CA ARG B 548 -28.72 -22.04 19.88
C ARG B 548 -27.43 -22.52 20.60
N PRO B 549 -26.26 -22.38 19.94
CA PRO B 549 -25.02 -22.73 20.65
C PRO B 549 -24.74 -21.71 21.75
N LEU B 550 -24.10 -22.16 22.82
CA LEU B 550 -23.79 -21.31 23.96
C LEU B 550 -23.15 -19.97 23.51
N PRO B 551 -23.74 -18.83 23.90
CA PRO B 551 -23.12 -17.55 23.54
C PRO B 551 -22.01 -17.17 24.52
N ALA B 552 -20.75 -17.31 24.08
CA ALA B 552 -19.61 -17.00 24.97
C ALA B 552 -19.54 -15.51 25.35
N GLU B 553 -20.18 -14.66 24.55
CA GLU B 553 -20.28 -13.21 24.81
C GLU B 553 -21.46 -12.85 25.74
N LYS B 554 -22.31 -13.82 26.14
CA LYS B 554 -23.42 -13.55 27.04
C LYS B 554 -23.50 -14.63 28.13
N LEU B 555 -22.38 -14.85 28.82
CA LEU B 555 -22.32 -15.88 29.88
C LEU B 555 -23.17 -15.46 31.05
N ARG B 556 -23.97 -16.39 31.55
CA ARG B 556 -24.72 -16.18 32.79
C ARG B 556 -24.43 -17.35 33.71
N LEU B 557 -23.30 -17.25 34.41
CA LEU B 557 -22.80 -18.33 35.28
C LEU B 557 -22.29 -17.87 36.67
N ASP B 558 -22.00 -16.57 36.76
CA ASP B 558 -21.38 -15.99 37.93
C ASP B 558 -22.42 -15.26 38.82
N SER B 559 -22.66 -15.84 39.99
CA SER B 559 -23.52 -15.31 41.07
C SER B 559 -23.31 -13.85 41.37
N ALA B 560 -22.08 -13.37 41.24
CA ALA B 560 -21.78 -11.99 41.59
C ALA B 560 -22.14 -11.04 40.46
N MET B 561 -22.32 -11.57 39.25
CA MET B 561 -22.60 -10.74 38.08
C MET B 561 -24.01 -10.91 37.53
N SER B 562 -24.65 -12.04 37.82
CA SER B 562 -25.98 -12.30 37.28
C SER B 562 -26.95 -12.82 38.34
N SER B 563 -28.24 -12.65 38.07
CA SER B 563 -29.26 -13.15 38.96
C SER B 563 -29.31 -14.66 38.86
N ALA B 564 -29.73 -15.27 39.97
CA ALA B 564 -29.89 -16.70 40.07
C ALA B 564 -30.89 -17.24 39.02
N ALA B 565 -31.93 -16.47 38.71
CA ALA B 565 -32.89 -16.85 37.66
C ALA B 565 -32.23 -16.87 36.27
N ASP B 566 -31.44 -15.83 35.99
CA ASP B 566 -30.71 -15.74 34.74
C ASP B 566 -29.76 -16.89 34.52
N ILE B 567 -29.05 -17.29 35.57
CA ILE B 567 -28.13 -18.43 35.57
C ILE B 567 -28.84 -19.74 35.36
N GLU B 568 -29.93 -19.98 36.09
CA GLU B 568 -30.63 -21.24 35.88
C GLU B 568 -31.18 -21.36 34.46
N ALA B 569 -31.69 -20.26 33.90
CA ALA B 569 -32.18 -20.26 32.50
C ALA B 569 -31.08 -20.57 31.48
N PHE B 570 -29.93 -19.94 31.65
CA PHE B 570 -28.77 -20.14 30.76
C PHE B 570 -28.27 -21.58 30.86
N LYS B 571 -28.11 -22.06 32.09
CA LYS B 571 -27.69 -23.45 32.28
C LYS B 571 -28.65 -24.42 31.61
N GLN B 572 -29.94 -24.17 31.72
CA GLN B 572 -30.94 -25.03 31.08
C GLN B 572 -30.83 -24.98 29.55
N ARG B 573 -30.84 -23.78 28.99
CA ARG B 573 -30.88 -23.67 27.51
C ARG B 573 -29.64 -24.28 26.85
N TYR B 574 -28.50 -24.11 27.50
CA TYR B 574 -27.25 -24.43 26.83
C TYR B 574 -26.60 -25.68 27.37
N GLU B 575 -27.38 -26.50 28.06
CA GLU B 575 -26.92 -27.80 28.63
C GLU B 575 -25.62 -27.56 29.43
N ALA B 576 -25.62 -26.43 30.15
CA ALA B 576 -24.43 -25.85 30.79
C ALA B 576 -24.40 -25.99 32.31
N GLN B 577 -25.19 -26.94 32.85
CA GLN B 577 -25.28 -27.17 34.29
C GLN B 577 -23.92 -27.39 34.98
N ASP B 578 -22.98 -28.07 34.34
CA ASP B 578 -21.65 -28.31 34.96
C ASP B 578 -20.56 -27.29 34.65
N LEU B 579 -20.90 -26.22 33.93
CA LEU B 579 -19.94 -25.14 33.70
C LEU B 579 -19.87 -24.23 34.91
N GLN B 580 -18.64 -23.87 35.26
CA GLN B 580 -18.39 -22.95 36.33
C GLN B 580 -17.81 -21.68 35.72
N PRO B 581 -18.15 -20.53 36.34
CA PRO B 581 -17.55 -19.27 35.89
C PRO B 581 -16.07 -19.22 36.32
N LEU B 582 -15.27 -18.47 35.60
CA LEU B 582 -13.84 -18.36 35.93
C LEU B 582 -13.58 -17.99 37.41
N SER B 583 -14.39 -17.07 37.94
CA SER B 583 -14.28 -16.60 39.33
C SER B 583 -14.21 -17.74 40.37
N THR B 584 -14.90 -18.85 40.10
CA THR B 584 -14.84 -20.04 40.96
C THR B 584 -13.41 -20.57 41.04
N TYR B 585 -12.74 -20.65 39.90
CA TYR B 585 -11.34 -21.10 39.88
C TYR B 585 -10.40 -20.02 40.43
N LEU B 586 -10.67 -18.76 40.13
CA LEU B 586 -9.87 -17.69 40.72
C LEU B 586 -9.87 -17.79 42.25
N LYS B 587 -11.06 -17.88 42.84
CA LYS B 587 -11.23 -18.08 44.31
C LYS B 587 -10.54 -19.35 44.78
N GLN B 588 -10.70 -20.43 44.02
CA GLN B 588 -10.10 -21.70 44.39
C GLN B 588 -8.60 -21.60 44.66
N PHE B 589 -7.88 -20.88 43.79
CA PHE B 589 -6.44 -20.70 43.91
C PHE B 589 -6.04 -19.40 44.61
N GLY B 590 -7.01 -18.77 45.27
CA GLY B 590 -6.76 -17.62 46.15
C GLY B 590 -6.65 -16.25 45.52
N LEU B 591 -7.34 -16.02 44.39
CA LEU B 591 -7.37 -14.71 43.71
C LEU B 591 -8.78 -14.07 43.68
N ASP B 592 -8.84 -12.75 43.55
CA ASP B 592 -10.11 -12.01 43.32
C ASP B 592 -10.27 -11.43 41.88
N ASP B 593 -11.42 -10.78 41.61
CA ASP B 593 -11.72 -10.16 40.31
C ASP B 593 -11.31 -8.68 40.16
MG MG C . 7.03 30.98 -19.52
NA NA D . -4.76 31.47 -9.21
N1' HTL E . -1.41 22.96 -16.34
C2' HTL E . -0.87 22.62 -15.14
C2A HTL E . -1.53 23.01 -13.84
N3' HTL E . 0.28 21.91 -15.08
C4' HTL E . 0.92 21.51 -16.21
N4' HTL E . 2.06 20.78 -16.03
C5' HTL E . 0.41 21.86 -17.48
C6' HTL E . -0.79 22.61 -17.48
C35 HTL E . 1.08 21.48 -18.81
N3 HTL E . 2.43 22.13 -18.87
C2 HTL E . 3.64 21.52 -18.58
S1 HTL E . 4.98 22.64 -18.67
C5 HTL E . 3.92 23.95 -19.15
C4 HTL E . 2.57 23.48 -19.19
C4A HTL E . 1.42 24.42 -19.56
C5A HTL E . 4.52 25.30 -19.45
C5B HTL E . 5.15 26.02 -18.26
O5G HTL E . 5.17 27.41 -18.61
P1 HTL E . 6.01 28.45 -17.81
O11 HTL E . 7.54 27.94 -18.02
O12 HTL E . 5.91 29.83 -18.40
O13 HTL E . 5.74 28.28 -16.34
P2 HTL E . 8.53 28.19 -19.27
O21 HTL E . 9.79 28.64 -18.52
O22 HTL E . 8.68 26.82 -19.91
O23 HTL E . 7.99 29.23 -20.22
C1' HTL E . 4.00 20.09 -18.25
O2' HTL E . 3.14 19.21 -18.28
C3' HTL E . 5.44 19.67 -18.02
PA FAD F . 10.98 8.16 -7.47
O1A FAD F . 10.41 8.82 -6.23
O2A FAD F . 10.05 7.92 -8.62
O5B FAD F . 11.60 6.72 -7.10
C5B FAD F . 12.42 6.50 -5.95
C4B FAD F . 12.71 5.02 -5.91
O4B FAD F . 13.56 4.77 -4.80
C3B FAD F . 11.47 4.16 -5.69
O3B FAD F . 11.52 3.09 -6.65
C2B FAD F . 11.58 3.68 -4.25
O2B FAD F . 11.08 2.38 -4.05
C1B FAD F . 13.07 3.62 -4.07
N9A FAD F . 13.55 3.77 -2.68
C8A FAD F . 13.08 4.63 -1.74
N7A FAD F . 13.86 4.50 -0.64
C5A FAD F . 14.82 3.56 -0.90
C6A FAD F . 15.87 3.01 -0.17
N6A FAD F . 16.10 3.42 1.13
N1A FAD F . 16.67 2.08 -0.75
C2A FAD F . 16.46 1.66 -2.01
N3A FAD F . 15.45 2.18 -2.75
C4A FAD F . 14.63 3.12 -2.22
N1 FAD F . 13.37 13.34 -14.64
C2 FAD F . 14.45 12.96 -15.39
O2 FAD F . 15.33 12.29 -14.83
N3 FAD F . 14.52 13.32 -16.71
C4 FAD F . 13.52 14.06 -17.26
O4 FAD F . 13.58 14.41 -18.44
C4X FAD F . 12.42 14.47 -16.49
N5 FAD F . 11.38 15.20 -17.00
C5X FAD F . 10.70 16.01 -16.13
C6 FAD F . 10.06 17.17 -16.55
C7 FAD F . 9.39 17.99 -15.65
C7M FAD F . 8.71 19.23 -16.19
C8 FAD F . 9.37 17.65 -14.29
C8M FAD F . 8.66 18.47 -13.22
C9 FAD F . 10.01 16.46 -13.86
C9A FAD F . 10.68 15.65 -14.76
N10 FAD F . 11.32 14.49 -14.40
C10 FAD F . 12.38 14.10 -15.16
C1' FAD F . 11.28 14.01 -13.02
C2' FAD F . 10.62 12.60 -13.27
O2' FAD F . 9.25 12.67 -13.76
C3' FAD F . 10.62 11.56 -12.13
O3' FAD F . 9.90 12.03 -10.97
C4' FAD F . 12.05 11.10 -11.79
O4' FAD F . 12.88 10.82 -12.95
C5' FAD F . 12.00 9.85 -10.90
O5' FAD F . 13.06 10.08 -9.96
P FAD F . 13.48 9.04 -8.83
O1P FAD F . 13.53 7.64 -9.39
O2P FAD F . 14.71 9.67 -8.24
O3P FAD F . 12.22 9.15 -7.86
C PYR G . 24.38 13.43 -32.09
O PYR G . 25.18 14.41 -31.80
OXT PYR G . 24.16 12.54 -31.15
CA PYR G . 23.73 13.35 -33.32
O3 PYR G . 24.21 13.95 -34.42
CB PYR G . 22.41 12.61 -33.36
NA NA H . -25.66 -19.54 -7.22
MG MG I . -28.47 -22.62 8.19
N1' HTL J . -25.26 -12.50 2.61
C2' HTL J . -24.01 -12.91 2.29
C2A HTL J . -23.63 -13.23 0.86
N3' HTL J . -23.07 -13.04 3.27
C4' HTL J . -23.37 -12.76 4.56
N4' HTL J . -22.34 -12.91 5.43
C5' HTL J . -24.67 -12.32 4.92
C6' HTL J . -25.60 -12.20 3.90
C35 HTL J . -25.11 -12.02 6.36
N3 HTL J . -25.00 -13.31 7.12
C2 HTL J . -23.97 -13.60 7.98
S1 HTL J . -24.10 -15.21 8.68
C5 HTL J . -25.57 -15.47 7.78
C4 HTL J . -25.91 -14.34 7.00
C4A HTL J . -27.13 -14.26 6.10
C5A HTL J . -26.26 -16.82 8.01
C5B HTL J . -25.62 -18.02 7.37
O5G HTL J . -26.63 -19.03 7.33
P1 HTL J . -26.21 -20.57 7.19
O11 HTL J . -25.46 -20.87 8.60
O12 HTL J . -27.45 -21.39 7.02
O13 HTL J . -25.23 -20.66 6.09
P2 HTL J . -26.13 -21.25 10.05
O21 HTL J . -25.41 -22.55 10.43
O22 HTL J . -25.81 -20.05 10.86
O23 HTL J . -27.61 -21.54 9.85
C1' HTL J . -22.83 -12.72 8.42
O2' HTL J . -22.86 -11.52 8.10
C3' HTL J . -21.73 -13.26 9.29
PA FAD K . -5.47 -10.29 10.38
O1A FAD K . -5.12 -10.76 9.00
O2A FAD K . -6.56 -9.26 10.49
O5B FAD K . -4.16 -9.62 11.01
C5B FAD K . -2.87 -10.18 10.88
C4B FAD K . -1.99 -9.21 11.67
O4B FAD K . -0.68 -9.77 11.80
C3B FAD K . -1.88 -7.88 10.94
O3B FAD K . -1.88 -6.82 11.91
C2B FAD K . -0.52 -8.01 10.26
O2B FAD K . 0.14 -6.78 9.94
C1B FAD K . 0.29 -8.84 11.26
N9A FAD K . 1.40 -9.63 10.67
C8A FAD K . 1.39 -10.31 9.48
N7A FAD K . 2.58 -10.94 9.36
C5A FAD K . 3.33 -10.67 10.46
C6A FAD K . 4.61 -11.04 10.90
N6A FAD K . 5.40 -11.84 10.17
N1A FAD K . 5.06 -10.57 12.09
C2A FAD K . 4.28 -9.78 12.89
N3A FAD K . 3.05 -9.41 12.50
C4A FAD K . 2.56 -9.85 11.29
N1 FAD K . -12.63 -13.59 15.11
C2 FAD K . -12.55 -13.66 16.47
O2 FAD K . -11.43 -13.80 17.02
N3 FAD K . -13.68 -13.61 17.23
C4 FAD K . -14.92 -13.49 16.63
O4 FAD K . -15.97 -13.45 17.32
C4X FAD K . -15.01 -13.42 15.23
N5 FAD K . -16.21 -13.30 14.59
C5X FAD K . -16.26 -13.75 13.31
C6 FAD K . -17.48 -14.18 12.79
C7 FAD K . -17.56 -14.71 11.49
C7M FAD K . -18.93 -15.14 10.99
C8 FAD K . -16.39 -14.82 10.72
C8M FAD K . -16.44 -15.38 9.30
C9 FAD K . -15.16 -14.39 11.24
C9A FAD K . -15.08 -13.87 12.55
N10 FAD K . -13.90 -13.44 13.12
C10 FAD K . -13.82 -13.48 14.48
C1' FAD K . -12.64 -13.44 12.36
C2' FAD K . -12.37 -11.87 12.41
O2' FAD K . -13.33 -11.08 11.67
C3' FAD K . -10.97 -11.33 12.04
O3' FAD K . -10.68 -11.71 10.69
C4' FAD K . -9.85 -11.89 12.92
O4' FAD K . -10.16 -11.81 14.32
C5' FAD K . -8.52 -11.19 12.67
O5' FAD K . -7.53 -12.21 12.86
P FAD K . -5.96 -11.88 12.79
O1P FAD K . -5.69 -10.64 13.59
O2P FAD K . -5.33 -13.21 13.10
O3P FAD K . -5.81 -11.63 11.20
C PYR L . -20.69 -14.42 33.64
O PYR L . -20.70 -15.66 34.02
OXT PYR L . -19.68 -13.94 32.94
CA PYR L . -21.75 -13.61 34.00
O3 PYR L . -22.61 -14.12 34.83
CB PYR L . -21.90 -12.22 33.44
#